data_3KAS
#
_entry.id   3KAS
#
_cell.length_a   143.951
_cell.length_b   170.228
_cell.length_c   98.471
_cell.angle_alpha   90.00
_cell.angle_beta   90.00
_cell.angle_gamma   90.00
#
_symmetry.space_group_name_H-M   'C 2 2 21'
#
loop_
_entity.id
_entity.type
_entity.pdbx_description
1 polymer 'Transferrin receptor protein 1'
2 polymer Glycoprotein
3 branched 2-acetamido-2-deoxy-beta-D-glucopyranose-(1-4)-[alpha-L-fucopyranose-(1-6)]2-acetamido-2-deoxy-beta-D-glucopyranose
4 branched alpha-D-mannopyranose-(1-3)-[alpha-D-mannopyranose-(1-6)]alpha-D-mannopyranose-(1-6)-[alpha-D-mannopyranose-(1-3)]beta-D-mannopyranose-(1-4)-2-acetamido-2-deoxy-beta-D-glucopyranose-(1-4)-2-acetamido-2-deoxy-beta-D-glucopyranose
5 non-polymer 2-acetamido-2-deoxy-beta-D-glucopyranose
6 non-polymer 'PHOSPHATE ION'
7 non-polymer 'POTASSIUM ION'
8 water water
#
loop_
_entity_poly.entity_id
_entity_poly.type
_entity_poly.pdbx_seq_one_letter_code
_entity_poly.pdbx_strand_id
1 'polypeptide(L)'
;RLYWDDLKRKLSEKLDSTDFTSTIKLLNENSYVPREAGSQKDENLALYVENQFREFKLSKVWRDQHFVKIQVKDSAQNSV
IIVDKNGRLVYLVENPGGYVAYSKAATVTGKLVHANFGTKKDFEDLYTPVNGSIVIVRAGKITFAEKVANAESLNAIGVL
IYMDQTKFPIVNAELSFFGHAHLGTGDPYTPGFPSFNHTQFPPSRSSGLPNIPVQTISRAAAEKLFGNMEGDCPSDWKTD
STCRMVTSESKNVKLTVSNVLKEIKILNIFGVIKGFVEPDHYVVVGAQRDAWGPGAAKSGVGTALLLKLAQMFSDMVLKD
GFQPSRSIIFASWSAGDFGSVGATEWLEGYLSSLHLKAFTYINLDKAVLGTSNFKVSASPLLYTLIEKTMQNVKHPVTGQ
FLYQDSNWASKVEKLTLDNAAFPFLAYSGIPAVSFCFCEDTDYPYLGTTMDTYKELIERIPELNKVARAAAEVAGQFVIK
LTHDVELNLDYERYNSQLLSFVRDLNQYRADIKEMGLSLQWLYSARGDFFRATSRLTTDFGNAEKTDRFVMKKLNDRVMR
VEYHFLSPYVSPKESPFRHVFWGSGSHTLPALLENLKLRKQNNGAFNETLFRNQLALATWTIQGAANALSGDVWDIDNEF
;
A
2 'polypeptide(L)'
;NHSNELPSLCMLNNSFYYMRGGVNTFLIRVSDISVLMKEYDVSIYEPEDLGNCLNKSDSSWAIHWFSNALGHDWLMDPPM
LCRNKTKKEGSNIQFNISKADDARVYGKKIRNGMRHLFRGFHDPCEEGKVCYLTINQCGDPSSFDYCGVNHLSKCQFDHV
NT
;
B
#
# COMPACT_ATOMS: atom_id res chain seq x y z
N ARG A 1 -20.71 38.70 -9.17
CA ARG A 1 -21.15 37.46 -8.55
C ARG A 1 -22.18 36.76 -9.43
N LEU A 2 -21.99 35.45 -9.64
CA LEU A 2 -22.85 34.64 -10.49
C LEU A 2 -23.81 33.78 -9.68
N TYR A 3 -24.78 33.20 -10.37
CA TYR A 3 -25.74 32.30 -9.73
C TYR A 3 -25.25 30.86 -9.77
N TRP A 4 -25.52 30.11 -8.71
CA TRP A 4 -25.11 28.70 -8.66
C TRP A 4 -25.49 27.92 -9.93
N ASP A 5 -26.69 28.16 -10.46
CA ASP A 5 -27.12 27.53 -11.71
C ASP A 5 -26.17 27.78 -12.91
N ASP A 6 -25.66 29.01 -13.01
CA ASP A 6 -24.72 29.34 -14.07
C ASP A 6 -23.38 28.69 -13.82
N LEU A 7 -22.91 28.72 -12.58
CA LEU A 7 -21.63 28.09 -12.27
C LEU A 7 -21.66 26.59 -12.56
N LYS A 8 -22.78 25.95 -12.23
CA LYS A 8 -23.00 24.54 -12.52
C LYS A 8 -22.89 24.29 -14.03
N ARG A 9 -23.63 25.08 -14.81
CA ARG A 9 -23.60 24.96 -16.26
C ARG A 9 -22.19 25.22 -16.81
N LYS A 10 -21.59 26.35 -16.44
CA LYS A 10 -20.24 26.67 -16.89
C LYS A 10 -19.26 25.52 -16.62
N LEU A 11 -19.19 25.05 -15.38
CA LEU A 11 -18.31 23.94 -15.04
C LEU A 11 -18.55 22.77 -15.98
N SER A 12 -19.81 22.34 -16.07
CA SER A 12 -20.19 21.22 -16.91
C SER A 12 -19.80 21.40 -18.37
N GLU A 13 -20.07 22.57 -18.94
CA GLU A 13 -19.76 22.71 -20.36
C GLU A 13 -18.25 22.82 -20.62
N LYS A 14 -17.49 23.45 -19.72
CA LYS A 14 -16.04 23.42 -19.81
C LYS A 14 -15.55 21.98 -19.74
N LEU A 15 -16.16 21.19 -18.86
CA LEU A 15 -15.79 19.80 -18.71
C LEU A 15 -16.07 19.01 -19.98
N ASP A 16 -17.16 19.36 -20.66
CA ASP A 16 -17.57 18.63 -21.85
C ASP A 16 -16.47 18.61 -22.90
N SER A 17 -15.76 19.72 -23.03
CA SER A 17 -14.76 19.83 -24.07
C SER A 17 -13.35 19.60 -23.53
N THR A 18 -13.26 19.03 -22.34
CA THR A 18 -11.95 18.79 -21.76
C THR A 18 -11.42 17.40 -22.12
N ASP A 19 -10.14 17.36 -22.49
CA ASP A 19 -9.50 16.12 -22.90
C ASP A 19 -8.63 15.60 -21.77
N PHE A 20 -9.14 14.59 -21.08
CA PHE A 20 -8.44 14.02 -19.94
C PHE A 20 -7.42 12.96 -20.36
N THR A 21 -7.83 12.05 -21.23
CA THR A 21 -6.97 10.95 -21.65
C THR A 21 -5.66 11.42 -22.26
N SER A 22 -5.68 12.58 -22.93
CA SER A 22 -4.47 13.10 -23.53
C SER A 22 -3.43 13.38 -22.47
N THR A 23 -3.88 14.03 -21.40
CA THR A 23 -3.01 14.40 -20.30
C THR A 23 -2.49 13.16 -19.55
N ILE A 24 -3.38 12.20 -19.31
CA ILE A 24 -2.97 10.95 -18.69
C ILE A 24 -1.93 10.24 -19.55
N LYS A 25 -2.15 10.24 -20.85
CA LYS A 25 -1.20 9.66 -21.79
C LYS A 25 0.11 10.44 -21.73
N LEU A 26 0.01 11.76 -21.73
CA LEU A 26 1.19 12.61 -21.71
C LEU A 26 2.05 12.32 -20.48
N LEU A 27 1.40 12.12 -19.34
CA LEU A 27 2.12 11.81 -18.11
C LEU A 27 2.73 10.41 -18.13
N ASN A 28 2.36 9.62 -19.13
CA ASN A 28 2.90 8.28 -19.23
C ASN A 28 4.05 8.19 -20.24
N GLU A 29 4.56 9.34 -20.67
CA GLU A 29 5.68 9.39 -21.61
C GLU A 29 7.01 9.21 -20.88
N ASN A 30 8.04 8.83 -21.64
CA ASN A 30 9.32 8.45 -21.03
C ASN A 30 9.99 9.52 -20.18
N SER A 31 9.71 10.78 -20.49
CA SER A 31 10.22 11.88 -19.70
C SER A 31 9.71 11.81 -18.25
N TYR A 32 8.57 11.15 -18.06
CA TYR A 32 7.99 11.03 -16.72
C TYR A 32 7.77 9.58 -16.27
N VAL A 33 7.91 8.64 -17.21
CA VAL A 33 7.41 7.27 -17.03
C VAL A 33 7.70 6.64 -15.68
N PRO A 34 8.98 6.40 -15.34
CA PRO A 34 9.22 5.85 -14.00
C PRO A 34 9.62 7.00 -13.07
N ARG A 35 8.71 7.43 -12.20
CA ARG A 35 8.92 8.65 -11.42
C ARG A 35 8.88 8.43 -9.91
N GLU A 36 9.78 7.61 -9.40
CA GLU A 36 9.88 7.44 -7.96
C GLU A 36 10.19 8.78 -7.31
N ALA A 37 9.68 9.00 -6.11
CA ALA A 37 9.82 10.29 -5.45
C ALA A 37 11.27 10.72 -5.38
N GLY A 38 11.55 11.95 -5.79
CA GLY A 38 12.88 12.51 -5.66
C GLY A 38 13.74 12.28 -6.89
N SER A 39 13.31 11.35 -7.72
CA SER A 39 14.03 11.03 -8.95
C SER A 39 13.97 12.23 -9.89
N GLN A 40 14.82 12.23 -10.91
CA GLN A 40 14.83 13.32 -11.89
C GLN A 40 13.52 13.40 -12.65
N LYS A 41 12.94 12.26 -12.98
CA LYS A 41 11.66 12.24 -13.69
C LYS A 41 10.53 12.81 -12.84
N ASP A 42 10.48 12.42 -11.56
CA ASP A 42 9.56 13.07 -10.64
C ASP A 42 9.80 14.58 -10.67
N GLU A 43 11.07 14.97 -10.64
CA GLU A 43 11.42 16.38 -10.66
C GLU A 43 11.04 17.02 -11.99
N ASN A 44 11.16 16.26 -13.07
CA ASN A 44 10.67 16.77 -14.35
C ASN A 44 9.20 17.09 -14.28
N LEU A 45 8.41 16.11 -13.84
CA LEU A 45 6.97 16.31 -13.83
C LEU A 45 6.64 17.48 -12.92
N ALA A 46 7.31 17.54 -11.78
CA ALA A 46 7.14 18.66 -10.86
C ALA A 46 7.32 19.98 -11.59
N LEU A 47 8.35 20.07 -12.44
CA LEU A 47 8.61 21.28 -13.22
C LEU A 47 7.52 21.54 -14.26
N TYR A 48 7.06 20.47 -14.89
CA TYR A 48 5.99 20.59 -15.88
C TYR A 48 4.69 21.07 -15.24
N VAL A 49 4.30 20.43 -14.13
CA VAL A 49 3.10 20.84 -13.43
C VAL A 49 3.20 22.31 -13.07
N GLU A 50 4.37 22.70 -12.57
CA GLU A 50 4.60 24.07 -12.13
C GLU A 50 4.49 25.06 -13.28
N ASN A 51 5.02 24.68 -14.43
CA ASN A 51 4.91 25.51 -15.62
C ASN A 51 3.44 25.69 -16.04
N GLN A 52 2.72 24.58 -16.12
CA GLN A 52 1.30 24.59 -16.44
C GLN A 52 0.50 25.52 -15.54
N PHE A 53 0.77 25.46 -14.23
CA PHE A 53 0.12 26.38 -13.30
C PHE A 53 0.41 27.82 -13.70
N ARG A 54 1.67 28.11 -14.06
CA ARG A 54 2.04 29.46 -14.48
C ARG A 54 1.32 29.88 -15.75
N GLU A 55 1.12 28.93 -16.67
CA GLU A 55 0.39 29.24 -17.89
C GLU A 55 -1.09 29.46 -17.61
N PHE A 56 -1.63 28.77 -16.62
CA PHE A 56 -3.02 28.96 -16.25
C PHE A 56 -3.22 30.32 -15.60
N LYS A 57 -2.12 30.94 -15.20
CA LYS A 57 -2.15 32.26 -14.59
C LYS A 57 -2.87 32.26 -13.23
N LEU A 58 -2.52 31.31 -12.37
CA LEU A 58 -3.09 31.31 -11.04
C LEU A 58 -2.50 32.48 -10.26
N SER A 59 -3.22 32.94 -9.25
CA SER A 59 -2.79 34.08 -8.43
C SER A 59 -1.33 33.99 -7.99
N LYS A 60 -0.92 32.84 -7.48
CA LYS A 60 0.47 32.59 -7.16
C LYS A 60 0.78 31.11 -7.23
N VAL A 61 1.94 30.77 -7.77
CA VAL A 61 2.40 29.40 -7.72
C VAL A 61 3.75 29.35 -7.05
N TRP A 62 3.97 28.31 -6.25
CA TRP A 62 5.17 28.24 -5.42
C TRP A 62 5.60 26.82 -5.14
N ARG A 63 6.75 26.69 -4.48
CA ARG A 63 7.31 25.40 -4.16
C ARG A 63 7.39 25.21 -2.66
N ASP A 64 7.12 23.98 -2.24
CA ASP A 64 7.28 23.63 -0.86
C ASP A 64 8.27 22.48 -0.87
N GLN A 65 9.52 22.82 -0.60
CA GLN A 65 10.61 21.85 -0.72
C GLN A 65 10.87 21.22 0.63
N HIS A 66 11.21 19.94 0.61
CA HIS A 66 11.51 19.21 1.83
C HIS A 66 12.61 18.22 1.56
N PHE A 67 13.44 17.99 2.57
CA PHE A 67 14.42 16.93 2.52
C PHE A 67 13.97 15.83 3.46
N VAL A 68 13.86 14.62 2.92
CA VAL A 68 13.35 13.49 3.70
C VAL A 68 14.16 12.23 3.46
N LYS A 69 14.16 11.34 4.45
CA LYS A 69 14.79 10.04 4.29
C LYS A 69 13.76 9.00 3.87
N ILE A 70 13.93 8.48 2.65
CA ILE A 70 13.17 7.33 2.18
C ILE A 70 14.10 6.13 2.13
N GLN A 71 13.54 4.98 1.80
CA GLN A 71 14.34 3.78 1.65
C GLN A 71 14.21 3.29 0.21
N VAL A 72 15.32 2.96 -0.42
CA VAL A 72 15.30 2.38 -1.75
C VAL A 72 16.09 1.08 -1.69
N LYS A 73 15.99 0.24 -2.72
CA LYS A 73 16.74 -1.01 -2.64
C LYS A 73 18.18 -0.82 -3.05
N ASP A 74 19.02 -1.65 -2.44
CA ASP A 74 20.46 -1.57 -2.55
C ASP A 74 20.93 -2.22 -3.82
N SER A 75 22.17 -1.92 -4.21
CA SER A 75 22.82 -2.59 -5.33
C SER A 75 22.89 -4.10 -5.07
N ALA A 76 23.03 -4.48 -3.80
CA ALA A 76 22.89 -5.87 -3.39
C ALA A 76 21.42 -6.28 -3.45
N GLN A 77 21.16 -7.45 -4.03
CA GLN A 77 19.79 -7.89 -4.25
C GLN A 77 19.15 -8.40 -2.97
N ASN A 78 17.88 -8.11 -2.80
CA ASN A 78 17.07 -8.81 -1.82
C ASN A 78 16.87 -10.20 -2.36
N SER A 79 16.77 -11.19 -1.49
CA SER A 79 16.60 -12.54 -1.98
C SER A 79 15.66 -13.38 -1.12
N VAL A 80 14.96 -14.30 -1.77
CA VAL A 80 14.13 -15.26 -1.08
C VAL A 80 14.70 -16.62 -1.39
N ILE A 81 15.03 -17.36 -0.33
CA ILE A 81 15.86 -18.53 -0.46
C ILE A 81 15.20 -19.64 0.32
N ILE A 82 15.27 -20.87 -0.18
CA ILE A 82 14.82 -22.01 0.61
C ILE A 82 16.03 -22.77 1.16
N VAL A 83 15.96 -23.12 2.44
CA VAL A 83 17.05 -23.79 3.13
C VAL A 83 16.66 -25.22 3.48
N ASP A 84 17.59 -26.14 3.29
CA ASP A 84 17.41 -27.51 3.77
C ASP A 84 18.01 -27.62 5.16
N LYS A 85 17.15 -27.74 6.17
CA LYS A 85 17.63 -27.93 7.55
C LYS A 85 18.62 -29.10 7.62
N ASN A 86 18.58 -29.97 6.62
CA ASN A 86 19.57 -31.03 6.51
C ASN A 86 20.78 -30.53 5.72
N GLY A 87 21.84 -30.18 6.43
CA GLY A 87 23.07 -29.72 5.80
C GLY A 87 23.11 -28.22 5.58
N ARG A 88 21.94 -27.59 5.66
CA ARG A 88 21.84 -26.14 5.57
C ARG A 88 22.33 -25.61 4.22
N LEU A 89 21.97 -26.30 3.15
CA LEU A 89 22.27 -25.79 1.82
C LEU A 89 21.09 -24.99 1.34
N VAL A 90 21.37 -23.89 0.63
CA VAL A 90 20.35 -22.95 0.21
C VAL A 90 20.08 -22.97 -1.30
N TYR A 91 18.85 -22.62 -1.65
CA TYR A 91 18.42 -22.55 -3.04
C TYR A 91 17.71 -21.23 -3.29
N LEU A 92 18.23 -20.45 -4.23
CA LEU A 92 17.69 -19.13 -4.51
C LEU A 92 16.38 -19.26 -5.27
N VAL A 93 15.32 -18.65 -4.76
CA VAL A 93 14.01 -18.71 -5.39
C VAL A 93 13.72 -17.46 -6.20
N GLU A 94 14.08 -16.31 -5.66
CA GLU A 94 13.87 -15.06 -6.38
C GLU A 94 14.75 -13.92 -5.85
N ASN A 95 15.16 -13.06 -6.77
CA ASN A 95 15.61 -11.74 -6.39
C ASN A 95 14.53 -10.75 -6.83
N PRO A 96 13.60 -10.41 -5.91
CA PRO A 96 12.43 -9.60 -6.26
C PRO A 96 12.78 -8.30 -6.97
N GLY A 97 12.00 -7.99 -8.00
CA GLY A 97 12.13 -6.73 -8.69
C GLY A 97 11.67 -5.57 -7.83
N GLY A 98 10.76 -5.84 -6.91
CA GLY A 98 10.18 -4.79 -6.09
C GLY A 98 10.70 -4.88 -4.66
N TYR A 99 10.21 -4.00 -3.80
CA TYR A 99 10.61 -4.05 -2.40
C TYR A 99 9.56 -3.35 -1.56
N VAL A 100 9.73 -3.37 -0.24
CA VAL A 100 8.81 -2.68 0.65
C VAL A 100 9.54 -1.63 1.50
N ALA A 101 9.32 -0.36 1.16
CA ALA A 101 9.98 0.74 1.84
C ALA A 101 9.75 0.69 3.36
N TYR A 102 10.83 0.87 4.10
CA TYR A 102 10.80 0.94 5.56
C TYR A 102 10.91 -0.44 6.21
N SER A 103 11.22 -1.44 5.41
CA SER A 103 11.50 -2.76 5.94
C SER A 103 12.80 -2.66 6.73
N LYS A 104 12.91 -3.45 7.80
CA LYS A 104 14.20 -3.54 8.47
C LYS A 104 15.16 -4.21 7.50
N ALA A 105 16.35 -3.64 7.36
CA ALA A 105 17.41 -4.30 6.59
C ALA A 105 17.98 -5.42 7.45
N ALA A 106 17.72 -6.65 7.07
CA ALA A 106 18.15 -7.79 7.88
C ALA A 106 18.04 -9.11 7.12
N THR A 107 18.62 -10.16 7.70
CA THR A 107 18.53 -11.49 7.12
C THR A 107 17.97 -12.39 8.18
N VAL A 108 16.88 -13.09 7.84
CA VAL A 108 16.24 -13.97 8.81
C VAL A 108 15.89 -15.31 8.20
N THR A 109 16.08 -16.36 9.00
CA THR A 109 15.81 -17.72 8.56
C THR A 109 14.84 -18.39 9.51
N GLY A 110 13.74 -18.90 8.98
CA GLY A 110 12.83 -19.69 9.79
C GLY A 110 11.81 -20.46 8.98
N LYS A 111 10.85 -21.06 9.67
CA LYS A 111 9.73 -21.71 9.04
C LYS A 111 8.86 -20.66 8.36
N LEU A 112 8.12 -21.05 7.33
CA LEU A 112 7.21 -20.14 6.65
C LEU A 112 5.77 -20.53 6.92
N VAL A 113 4.96 -19.54 7.30
CA VAL A 113 3.57 -19.78 7.68
C VAL A 113 2.65 -18.81 6.96
N HIS A 114 1.61 -19.36 6.36
CA HIS A 114 0.65 -18.54 5.65
C HIS A 114 -0.35 -17.99 6.64
N ALA A 115 -0.73 -16.74 6.46
CA ALA A 115 -1.62 -16.09 7.38
C ALA A 115 -2.62 -15.25 6.59
N ASN A 116 -2.98 -15.75 5.42
CA ASN A 116 -3.99 -15.10 4.60
C ASN A 116 -3.68 -13.63 4.35
N PHE A 117 -4.53 -12.73 4.83
CA PHE A 117 -4.32 -11.30 4.61
C PHE A 117 -3.51 -10.66 5.73
N GLY A 118 -3.13 -11.47 6.72
CA GLY A 118 -2.42 -10.97 7.89
C GLY A 118 -3.25 -10.00 8.73
N THR A 119 -4.58 -10.11 8.62
CA THR A 119 -5.44 -9.31 9.47
C THR A 119 -5.35 -9.83 10.88
N LYS A 120 -5.70 -8.98 11.84
CA LYS A 120 -5.67 -9.35 13.25
C LYS A 120 -6.44 -10.65 13.47
N LYS A 121 -7.60 -10.77 12.84
CA LYS A 121 -8.41 -11.99 12.95
C LYS A 121 -7.73 -13.20 12.30
N ASP A 122 -7.17 -13.02 11.12
CA ASP A 122 -6.45 -14.10 10.42
C ASP A 122 -5.41 -14.78 11.30
N PHE A 123 -4.71 -13.98 12.10
CA PHE A 123 -3.72 -14.53 13.00
C PHE A 123 -4.32 -15.38 14.13
N GLU A 124 -5.38 -14.88 14.76
CA GLU A 124 -6.01 -15.64 15.83
C GLU A 124 -6.60 -16.95 15.35
N ASP A 125 -7.12 -16.95 14.13
CA ASP A 125 -7.72 -18.15 13.56
C ASP A 125 -6.70 -19.18 13.11
N LEU A 126 -5.41 -18.87 13.31
CA LEU A 126 -4.34 -19.79 12.92
C LEU A 126 -4.18 -20.95 13.89
N TYR A 127 -4.04 -22.16 13.35
CA TYR A 127 -3.78 -23.33 14.18
C TYR A 127 -2.29 -23.62 14.17
N THR A 128 -1.55 -22.74 13.51
CA THR A 128 -0.10 -22.80 13.53
C THR A 128 0.45 -21.52 14.16
N PRO A 129 1.24 -21.69 15.23
CA PRO A 129 1.82 -20.52 15.91
C PRO A 129 2.83 -19.82 15.02
N VAL A 130 2.65 -18.53 14.86
CA VAL A 130 3.52 -17.72 14.04
C VAL A 130 4.86 -17.40 14.73
N ASN A 131 4.90 -17.52 16.05
CA ASN A 131 6.08 -17.07 16.78
C ASN A 131 7.37 -17.64 16.17
N GLY A 132 8.39 -16.80 16.06
CA GLY A 132 9.69 -17.22 15.53
C GLY A 132 9.70 -17.67 14.07
N SER A 133 8.58 -17.51 13.39
CA SER A 133 8.52 -17.92 11.99
C SER A 133 8.41 -16.71 11.06
N ILE A 134 8.81 -16.93 9.83
CA ILE A 134 8.52 -15.99 8.76
C ILE A 134 7.08 -16.25 8.34
N VAL A 135 6.39 -15.18 7.99
CA VAL A 135 4.99 -15.27 7.62
C VAL A 135 4.82 -14.86 6.17
N ILE A 136 3.92 -15.53 5.46
CA ILE A 136 3.57 -15.07 4.13
C ILE A 136 2.10 -14.73 4.08
N VAL A 137 1.79 -13.57 3.51
CA VAL A 137 0.41 -13.12 3.39
C VAL A 137 0.09 -12.55 2.01
N ARG A 138 -1.19 -12.65 1.65
CA ARG A 138 -1.70 -12.05 0.43
C ARG A 138 -1.82 -10.55 0.60
N ALA A 139 -1.58 -9.80 -0.48
CA ALA A 139 -1.89 -8.38 -0.47
C ALA A 139 -3.41 -8.15 -0.37
N GLY A 140 -3.80 -6.98 0.12
CA GLY A 140 -5.21 -6.60 0.16
C GLY A 140 -5.81 -6.52 1.55
N LYS A 141 -7.05 -6.06 1.62
CA LYS A 141 -7.78 -5.90 2.88
C LYS A 141 -7.19 -4.80 3.76
N ILE A 142 -5.91 -4.92 4.09
CA ILE A 142 -5.26 -3.92 4.91
C ILE A 142 -3.89 -3.55 4.36
N THR A 143 -3.34 -2.44 4.84
CA THR A 143 -2.05 -1.96 4.38
C THR A 143 -0.94 -2.92 4.76
N PHE A 144 0.17 -2.82 4.04
CA PHE A 144 1.36 -3.60 4.36
C PHE A 144 1.78 -3.28 5.81
N ALA A 145 1.79 -2.00 6.15
CA ALA A 145 2.16 -1.55 7.48
C ALA A 145 1.40 -2.28 8.59
N GLU A 146 0.10 -2.50 8.37
CA GLU A 146 -0.71 -3.22 9.34
C GLU A 146 -0.35 -4.71 9.41
N LYS A 147 -0.23 -5.35 8.24
CA LYS A 147 0.17 -6.74 8.17
C LYS A 147 1.47 -6.96 8.96
N VAL A 148 2.48 -6.13 8.69
CA VAL A 148 3.74 -6.23 9.42
C VAL A 148 3.54 -6.07 10.93
N ALA A 149 2.81 -5.04 11.33
CA ALA A 149 2.53 -4.80 12.75
C ALA A 149 1.81 -5.99 13.39
N ASN A 150 0.71 -6.45 12.79
CA ASN A 150 0.01 -7.62 13.32
C ASN A 150 0.93 -8.82 13.51
N ALA A 151 1.73 -9.09 12.48
CA ALA A 151 2.68 -10.19 12.53
C ALA A 151 3.75 -9.94 13.58
N GLU A 152 4.30 -8.73 13.59
CA GLU A 152 5.35 -8.39 14.51
C GLU A 152 4.80 -8.53 15.92
N SER A 153 3.53 -8.19 16.05
CA SER A 153 2.82 -8.29 17.31
C SER A 153 2.77 -9.73 17.86
N LEU A 154 2.91 -10.72 16.97
CA LEU A 154 2.87 -12.12 17.38
C LEU A 154 4.26 -12.74 17.32
N ASN A 155 5.27 -11.89 17.17
CA ASN A 155 6.68 -12.27 17.15
C ASN A 155 7.16 -13.00 15.90
N ALA A 156 6.49 -12.77 14.78
CA ALA A 156 7.00 -13.26 13.51
C ALA A 156 8.33 -12.56 13.24
N ILE A 157 9.22 -13.20 12.49
CA ILE A 157 10.55 -12.64 12.30
C ILE A 157 10.74 -12.07 10.91
N GLY A 158 9.70 -12.17 10.08
CA GLY A 158 9.76 -11.63 8.74
C GLY A 158 8.44 -11.79 8.03
N VAL A 159 8.25 -11.02 6.97
CA VAL A 159 6.99 -11.04 6.24
C VAL A 159 7.22 -11.07 4.73
N LEU A 160 6.56 -12.01 4.05
CA LEU A 160 6.50 -12.00 2.60
C LEU A 160 5.09 -11.61 2.18
N ILE A 161 4.97 -10.89 1.06
CA ILE A 161 3.66 -10.52 0.54
C ILE A 161 3.61 -10.79 -0.95
N TYR A 162 2.55 -11.48 -1.39
CA TYR A 162 2.36 -11.75 -2.82
C TYR A 162 0.95 -11.34 -3.24
N MET A 163 0.71 -11.29 -4.54
CA MET A 163 -0.64 -11.04 -5.03
C MET A 163 -1.23 -12.33 -5.57
N ASP A 164 -2.16 -12.92 -4.84
CA ASP A 164 -2.73 -14.19 -5.30
C ASP A 164 -3.58 -13.92 -6.52
N GLN A 165 -3.76 -14.94 -7.35
CA GLN A 165 -4.50 -14.74 -8.59
C GLN A 165 -5.99 -14.54 -8.40
N THR A 166 -6.55 -15.05 -7.30
CA THR A 166 -7.96 -14.81 -7.04
C THR A 166 -8.25 -13.32 -6.81
N LYS A 167 -7.42 -12.66 -6.02
CA LYS A 167 -7.64 -11.24 -5.74
C LYS A 167 -7.01 -10.37 -6.84
N PHE A 168 -6.05 -10.93 -7.56
CA PHE A 168 -5.32 -10.18 -8.59
C PHE A 168 -5.14 -11.01 -9.83
N PRO A 169 -6.22 -11.21 -10.60
CA PRO A 169 -6.21 -12.00 -11.83
C PRO A 169 -5.27 -11.44 -12.89
N ILE A 170 -3.99 -11.35 -12.57
CA ILE A 170 -2.97 -10.85 -13.48
C ILE A 170 -2.33 -12.02 -14.22
N VAL A 171 -2.24 -11.92 -15.54
CA VAL A 171 -1.71 -13.02 -16.33
C VAL A 171 -0.25 -13.28 -16.01
N ASN A 172 0.57 -12.24 -16.06
CA ASN A 172 1.99 -12.36 -15.75
C ASN A 172 2.22 -12.64 -14.27
N ALA A 173 2.61 -13.88 -13.95
CA ALA A 173 2.87 -14.26 -12.56
C ALA A 173 4.25 -13.82 -12.05
N GLU A 174 5.07 -13.26 -12.93
CA GLU A 174 6.41 -12.83 -12.53
C GLU A 174 6.41 -11.37 -12.11
N LEU A 175 5.26 -10.72 -12.18
CA LEU A 175 5.13 -9.29 -11.86
C LEU A 175 5.59 -8.99 -10.44
N SER A 176 6.47 -8.02 -10.27
CA SER A 176 6.87 -7.64 -8.93
C SER A 176 6.20 -6.31 -8.56
N PHE A 177 6.08 -6.03 -7.27
CA PHE A 177 5.36 -4.85 -6.84
C PHE A 177 5.95 -4.16 -5.62
N PHE A 178 5.46 -2.95 -5.35
CA PHE A 178 6.01 -2.09 -4.33
C PHE A 178 4.97 -1.59 -3.34
N GLY A 179 5.44 -1.25 -2.14
CA GLY A 179 4.65 -0.57 -1.13
C GLY A 179 5.51 -0.23 0.08
N HIS A 180 4.92 0.33 1.12
CA HIS A 180 5.70 0.57 2.33
C HIS A 180 5.02 0.01 3.57
N ALA A 181 5.80 -0.14 4.63
CA ALA A 181 5.24 -0.74 5.83
C ALA A 181 5.40 0.17 7.03
N HIS A 182 5.50 1.48 6.78
CA HIS A 182 5.52 2.43 7.88
C HIS A 182 4.09 2.60 8.39
N LEU A 183 3.88 2.28 9.66
CA LEU A 183 2.55 2.40 10.26
C LEU A 183 2.29 3.87 10.65
N GLY A 184 2.29 4.74 9.65
CA GLY A 184 1.89 6.11 9.82
C GLY A 184 2.05 6.83 8.51
N THR A 185 2.21 8.15 8.59
CA THR A 185 2.51 8.94 7.40
C THR A 185 3.71 9.83 7.70
N GLY A 186 4.21 10.50 6.67
CA GLY A 186 5.33 11.41 6.86
C GLY A 186 6.66 10.69 6.95
N ASP A 187 7.72 11.45 7.14
CA ASP A 187 9.05 10.87 7.33
C ASP A 187 9.14 10.26 8.71
N PRO A 188 9.41 8.95 8.78
CA PRO A 188 9.57 8.24 10.05
C PRO A 188 10.87 8.61 10.76
N TYR A 189 11.90 9.00 10.01
CA TYR A 189 13.17 9.42 10.60
C TYR A 189 13.27 10.94 10.69
N THR A 190 12.44 11.54 11.55
CA THR A 190 12.40 12.99 11.70
C THR A 190 12.99 13.40 13.05
N PRO A 191 14.32 13.52 13.11
CA PRO A 191 14.95 14.01 14.33
C PRO A 191 14.61 15.48 14.48
N GLY A 192 14.19 15.90 15.66
CA GLY A 192 13.80 17.29 15.87
C GLY A 192 14.99 18.22 15.81
N PHE A 193 16.15 17.62 15.60
CA PHE A 193 17.41 18.35 15.56
C PHE A 193 18.30 17.80 14.45
N PRO A 194 19.13 18.66 13.86
CA PRO A 194 20.11 18.21 12.86
C PRO A 194 21.27 17.51 13.56
N SER A 195 21.99 16.66 12.84
CA SER A 195 23.15 15.96 13.39
C SER A 195 24.46 16.67 13.04
N THR A 199 26.25 12.43 10.47
CA THR A 199 27.31 11.86 11.30
C THR A 199 26.75 11.08 12.49
N GLN A 200 26.16 11.81 13.44
CA GLN A 200 25.64 11.20 14.66
C GLN A 200 24.32 10.47 14.41
N PHE A 201 24.10 9.37 15.12
CA PHE A 201 22.91 8.55 14.94
C PHE A 201 22.09 8.38 16.22
N PRO A 202 20.84 8.90 16.22
CA PRO A 202 19.85 8.72 17.28
C PRO A 202 18.77 7.68 16.92
N PRO A 203 18.38 6.82 17.87
CA PRO A 203 17.29 5.85 17.70
C PRO A 203 15.93 6.51 17.42
N SER A 204 14.95 5.74 16.96
CA SER A 204 13.71 6.31 16.44
C SER A 204 12.56 6.49 17.44
N ARG A 205 12.41 5.56 18.37
CA ARG A 205 11.34 5.60 19.37
C ARG A 205 9.98 5.16 18.85
N SER A 206 8.97 6.02 19.00
CA SER A 206 7.62 5.75 18.54
C SER A 206 7.47 6.11 17.07
N SER A 207 8.19 5.41 16.21
CA SER A 207 8.28 5.77 14.80
C SER A 207 7.20 5.10 13.96
N GLY A 208 6.76 3.92 14.38
CA GLY A 208 5.85 3.11 13.59
C GLY A 208 6.59 2.27 12.55
N LEU A 209 7.91 2.17 12.70
CA LEU A 209 8.74 1.39 11.79
C LEU A 209 8.78 -0.09 12.16
N PRO A 210 8.82 -0.98 11.14
CA PRO A 210 9.00 -2.43 11.33
C PRO A 210 10.35 -2.75 11.96
N ASN A 211 10.38 -3.76 12.85
CA ASN A 211 11.64 -4.29 13.38
C ASN A 211 11.98 -5.60 12.69
N ILE A 212 11.19 -5.96 11.68
CA ILE A 212 11.44 -7.19 10.96
C ILE A 212 11.57 -6.89 9.48
N PRO A 213 12.23 -7.78 8.72
CA PRO A 213 12.30 -7.62 7.28
C PRO A 213 10.95 -7.93 6.65
N VAL A 214 10.55 -7.11 5.69
CA VAL A 214 9.35 -7.39 4.92
C VAL A 214 9.64 -7.20 3.43
N GLN A 215 9.07 -8.07 2.60
CA GLN A 215 9.42 -8.13 1.20
C GLN A 215 8.28 -8.65 0.35
N THR A 216 8.20 -8.09 -0.84
CA THR A 216 7.15 -8.38 -1.77
C THR A 216 7.68 -9.40 -2.77
N ILE A 217 6.87 -10.40 -3.12
CA ILE A 217 7.33 -11.40 -4.07
C ILE A 217 6.31 -11.63 -5.15
N SER A 218 6.77 -12.16 -6.28
CA SER A 218 5.88 -12.45 -7.39
C SER A 218 5.00 -13.65 -7.06
N ARG A 219 3.86 -13.76 -7.73
CA ARG A 219 3.00 -14.89 -7.46
C ARG A 219 3.73 -16.17 -7.80
N ALA A 220 4.58 -16.10 -8.82
CA ALA A 220 5.34 -17.29 -9.21
C ALA A 220 6.21 -17.74 -8.06
N ALA A 221 6.94 -16.79 -7.47
CA ALA A 221 7.81 -17.12 -6.34
C ALA A 221 7.01 -17.67 -5.16
N ALA A 222 5.81 -17.15 -4.94
CA ALA A 222 4.97 -17.67 -3.85
C ALA A 222 4.56 -19.10 -4.14
N GLU A 223 4.21 -19.38 -5.39
CA GLU A 223 3.75 -20.71 -5.73
C GLU A 223 4.90 -21.71 -5.67
N LYS A 224 6.10 -21.22 -5.93
CA LYS A 224 7.27 -22.07 -5.79
C LYS A 224 7.50 -22.35 -4.31
N LEU A 225 7.29 -21.36 -3.48
CA LEU A 225 7.33 -21.59 -2.04
C LEU A 225 6.25 -22.58 -1.63
N PHE A 226 5.05 -22.46 -2.19
CA PHE A 226 3.96 -23.39 -1.86
C PHE A 226 4.34 -24.80 -2.24
N GLY A 227 5.06 -24.91 -3.36
CA GLY A 227 5.59 -26.20 -3.79
C GLY A 227 6.36 -26.95 -2.70
N ASN A 228 6.85 -26.22 -1.72
CA ASN A 228 7.66 -26.79 -0.65
C ASN A 228 6.97 -26.70 0.69
N MET A 229 5.64 -26.62 0.65
CA MET A 229 4.88 -26.47 1.87
C MET A 229 3.77 -27.50 1.90
N GLU A 230 3.11 -27.60 3.06
CA GLU A 230 2.11 -28.62 3.31
C GLU A 230 0.90 -27.97 3.93
N GLY A 231 -0.23 -28.66 3.84
CA GLY A 231 -1.47 -28.20 4.47
C GLY A 231 -2.27 -27.37 3.50
N ASP A 232 -3.52 -27.78 3.25
CA ASP A 232 -4.37 -27.03 2.35
C ASP A 232 -4.91 -25.80 3.05
N CYS A 233 -5.15 -24.74 2.28
CA CYS A 233 -5.69 -23.52 2.83
C CYS A 233 -7.20 -23.68 3.00
N PRO A 234 -7.75 -23.07 4.06
CA PRO A 234 -9.19 -23.04 4.32
C PRO A 234 -9.94 -22.48 3.12
N SER A 235 -10.98 -23.19 2.68
CA SER A 235 -11.79 -22.72 1.57
C SER A 235 -12.39 -21.35 1.89
N ASP A 236 -12.46 -21.06 3.18
CA ASP A 236 -12.97 -19.77 3.66
C ASP A 236 -12.15 -18.58 3.14
N TRP A 237 -10.87 -18.82 2.87
CA TRP A 237 -9.99 -17.78 2.38
C TRP A 237 -10.30 -17.46 0.92
N LYS A 238 -10.95 -18.40 0.25
CA LYS A 238 -11.28 -18.25 -1.17
C LYS A 238 -10.05 -17.90 -1.99
N THR A 239 -9.02 -18.74 -1.91
CA THR A 239 -7.77 -18.47 -2.62
C THR A 239 -7.38 -19.62 -3.54
N ASP A 240 -6.32 -19.42 -4.31
CA ASP A 240 -5.87 -20.41 -5.28
C ASP A 240 -5.70 -21.78 -4.65
N SER A 241 -5.89 -22.83 -5.44
CA SER A 241 -5.69 -24.20 -4.95
C SER A 241 -4.19 -24.47 -4.72
N THR A 242 -3.37 -23.64 -5.35
CA THR A 242 -1.92 -23.64 -5.18
C THR A 242 -1.49 -23.47 -3.72
N CYS A 243 -2.17 -22.58 -3.02
CA CYS A 243 -1.81 -22.17 -1.67
C CYS A 243 -1.59 -23.33 -0.69
N ARG A 244 -0.59 -23.17 0.18
CA ARG A 244 -0.32 -24.12 1.26
C ARG A 244 -0.01 -23.33 2.54
N MET A 245 0.14 -24.04 3.67
CA MET A 245 0.12 -23.35 4.97
C MET A 245 1.47 -23.26 5.69
N VAL A 246 2.28 -24.30 5.54
CA VAL A 246 3.51 -24.42 6.32
C VAL A 246 4.59 -25.18 5.54
N THR A 247 5.84 -24.80 5.75
CA THR A 247 6.96 -25.51 5.14
C THR A 247 6.99 -26.95 5.64
N SER A 248 7.46 -27.86 4.79
CA SER A 248 7.73 -29.24 5.19
C SER A 248 8.67 -29.25 6.38
N GLU A 249 8.70 -30.35 7.12
CA GLU A 249 9.56 -30.47 8.29
C GLU A 249 11.02 -30.09 8.00
N SER A 250 11.55 -30.58 6.88
CA SER A 250 12.99 -30.49 6.58
C SER A 250 13.42 -29.14 6.01
N LYS A 251 12.45 -28.28 5.73
CA LYS A 251 12.73 -27.04 5.02
C LYS A 251 12.24 -25.83 5.79
N ASN A 252 13.01 -24.75 5.70
CA ASN A 252 12.46 -23.46 6.04
C ASN A 252 13.05 -22.36 5.14
N VAL A 253 12.46 -21.17 5.20
CA VAL A 253 12.79 -20.10 4.26
C VAL A 253 13.76 -19.08 4.86
N LYS A 254 14.56 -18.48 4.00
CA LYS A 254 15.45 -17.42 4.43
C LYS A 254 15.16 -16.16 3.63
N LEU A 255 14.99 -15.05 4.31
CA LEU A 255 14.73 -13.78 3.64
C LEU A 255 15.85 -12.79 3.92
N THR A 256 16.37 -12.18 2.86
CA THR A 256 17.42 -11.17 2.99
C THR A 256 16.97 -9.85 2.36
N VAL A 257 16.77 -8.84 3.20
CA VAL A 257 16.46 -7.50 2.73
C VAL A 257 17.62 -6.57 3.05
N SER A 258 18.10 -5.84 2.05
CA SER A 258 19.22 -4.95 2.27
C SER A 258 18.95 -3.54 1.75
N ASN A 259 17.69 -3.11 1.82
CA ASN A 259 17.29 -1.76 1.43
C ASN A 259 18.13 -0.71 2.18
N VAL A 260 18.38 0.44 1.56
CA VAL A 260 19.14 1.49 2.24
C VAL A 260 18.42 2.84 2.30
N LEU A 261 18.75 3.62 3.34
CA LEU A 261 18.19 4.95 3.51
C LEU A 261 18.85 5.95 2.59
N LYS A 262 18.03 6.72 1.89
CA LYS A 262 18.53 7.72 0.99
C LYS A 262 17.80 9.01 1.31
N GLU A 263 18.53 10.12 1.39
CA GLU A 263 17.89 11.41 1.59
C GLU A 263 17.54 11.97 0.22
N ILE A 264 16.31 12.44 0.07
CA ILE A 264 15.87 12.97 -1.22
C ILE A 264 15.26 14.36 -1.08
N LYS A 265 15.26 15.11 -2.18
CA LYS A 265 14.61 16.40 -2.24
C LYS A 265 13.27 16.25 -2.93
N ILE A 266 12.19 16.35 -2.17
CA ILE A 266 10.87 16.30 -2.78
C ILE A 266 10.33 17.70 -2.98
N LEU A 267 9.48 17.87 -3.98
CA LEU A 267 8.83 19.15 -4.22
C LEU A 267 7.32 19.02 -4.19
N ASN A 268 6.70 19.78 -3.30
CA ASN A 268 5.28 19.97 -3.40
C ASN A 268 5.04 21.21 -4.22
N ILE A 269 4.30 21.04 -5.32
CA ILE A 269 3.98 22.17 -6.19
C ILE A 269 2.59 22.71 -5.92
N PHE A 270 2.50 24.00 -5.67
CA PHE A 270 1.25 24.62 -5.26
C PHE A 270 0.81 25.71 -6.21
N GLY A 271 -0.48 25.76 -6.49
CA GLY A 271 -1.06 26.87 -7.21
C GLY A 271 -2.20 27.39 -6.37
N VAL A 272 -2.51 28.67 -6.50
CA VAL A 272 -3.63 29.22 -5.74
C VAL A 272 -4.44 30.23 -6.53
N ILE A 273 -5.76 30.05 -6.49
CA ILE A 273 -6.69 31.07 -6.95
C ILE A 273 -7.22 31.82 -5.72
N LYS A 274 -6.81 33.07 -5.52
CA LYS A 274 -7.15 33.81 -4.30
C LYS A 274 -8.64 34.10 -4.17
N GLY A 275 -9.15 33.97 -2.96
CA GLY A 275 -10.54 34.30 -2.67
C GLY A 275 -10.80 35.79 -2.69
N PHE A 276 -12.04 36.15 -2.97
CA PHE A 276 -12.39 37.56 -3.15
C PHE A 276 -12.88 38.17 -1.85
N VAL A 277 -13.30 37.33 -0.91
CA VAL A 277 -13.79 37.83 0.36
C VAL A 277 -12.91 37.39 1.54
N GLU A 278 -12.70 36.08 1.69
CA GLU A 278 -11.77 35.60 2.70
C GLU A 278 -10.70 34.75 2.01
N PRO A 279 -9.66 35.41 1.48
CA PRO A 279 -8.60 34.69 0.78
C PRO A 279 -7.74 33.89 1.76
N ASP A 280 -7.70 34.33 3.02
CA ASP A 280 -6.90 33.63 4.03
C ASP A 280 -7.53 32.32 4.46
N HIS A 281 -8.68 31.97 3.88
CA HIS A 281 -9.27 30.65 4.06
C HIS A 281 -9.26 29.91 2.76
N TYR A 282 -8.92 28.62 2.78
CA TYR A 282 -8.84 27.87 1.54
C TYR A 282 -9.48 26.50 1.57
N VAL A 283 -9.97 26.08 0.40
CA VAL A 283 -10.20 24.67 0.09
C VAL A 283 -8.95 24.16 -0.59
N VAL A 284 -8.46 23.01 -0.15
CA VAL A 284 -7.26 22.44 -0.74
C VAL A 284 -7.58 21.19 -1.55
N VAL A 285 -7.11 21.18 -2.79
CA VAL A 285 -7.33 20.06 -3.70
C VAL A 285 -5.95 19.50 -4.04
N GLY A 286 -5.70 18.23 -3.73
CA GLY A 286 -4.39 17.66 -3.98
C GLY A 286 -4.37 16.33 -4.71
N ALA A 287 -3.22 16.02 -5.30
CA ALA A 287 -3.00 14.72 -5.93
C ALA A 287 -1.54 14.30 -5.81
N GLN A 288 -1.32 13.00 -5.72
CA GLN A 288 0.01 12.40 -5.67
C GLN A 288 0.66 12.38 -7.07
N ARG A 289 1.86 12.91 -7.17
CA ARG A 289 2.56 13.02 -8.44
C ARG A 289 3.58 11.89 -8.64
N ASP A 290 4.04 11.31 -7.55
CA ASP A 290 5.07 10.28 -7.63
C ASP A 290 4.50 8.87 -7.74
N ALA A 291 5.27 7.99 -8.38
CA ALA A 291 4.92 6.58 -8.40
C ALA A 291 6.16 5.72 -8.61
N TRP A 292 6.14 4.51 -8.07
CA TRP A 292 7.23 3.59 -8.24
C TRP A 292 7.42 3.22 -9.69
N GLY A 293 6.36 2.77 -10.35
CA GLY A 293 6.47 2.45 -11.76
C GLY A 293 5.98 3.60 -12.61
N PRO A 294 5.18 3.29 -13.62
CA PRO A 294 4.51 4.32 -14.43
C PRO A 294 3.38 4.99 -13.63
N GLY A 295 2.67 4.20 -12.82
CA GLY A 295 1.64 4.74 -11.95
C GLY A 295 0.61 5.61 -12.64
N ALA A 296 0.09 5.13 -13.77
CA ALA A 296 -0.97 5.85 -14.46
C ALA A 296 -2.19 6.04 -13.56
N ALA A 297 -2.72 4.95 -13.01
CA ALA A 297 -3.88 5.06 -12.14
C ALA A 297 -3.47 5.59 -10.79
N LYS A 298 -2.32 5.15 -10.31
CA LYS A 298 -1.86 5.56 -9.00
C LYS A 298 -1.61 7.05 -8.91
N SER A 299 -1.15 7.64 -10.00
CA SER A 299 -0.59 8.98 -9.92
C SER A 299 -1.04 9.86 -11.08
N GLY A 300 -1.06 9.27 -12.27
CA GLY A 300 -1.42 9.99 -13.48
C GLY A 300 -2.82 10.54 -13.47
N VAL A 301 -3.82 9.70 -13.22
CA VAL A 301 -5.21 10.17 -13.15
C VAL A 301 -5.31 11.39 -12.22
N GLY A 302 -4.94 11.20 -10.97
CA GLY A 302 -4.98 12.29 -10.02
C GLY A 302 -4.29 13.55 -10.52
N THR A 303 -3.06 13.42 -11.02
CA THR A 303 -2.33 14.59 -11.48
C THR A 303 -3.02 15.24 -12.66
N ALA A 304 -3.58 14.42 -13.55
CA ALA A 304 -4.33 14.93 -14.69
C ALA A 304 -5.53 15.76 -14.25
N LEU A 305 -6.34 15.19 -13.35
CA LEU A 305 -7.49 15.93 -12.79
C LEU A 305 -7.02 17.20 -12.11
N LEU A 306 -5.91 17.11 -11.38
CA LEU A 306 -5.40 18.29 -10.71
C LEU A 306 -5.13 19.39 -11.75
N LEU A 307 -4.47 19.02 -12.83
CA LEU A 307 -4.13 19.98 -13.89
C LEU A 307 -5.34 20.57 -14.58
N LYS A 308 -6.30 19.71 -14.93
CA LYS A 308 -7.49 20.15 -15.64
C LYS A 308 -8.39 20.99 -14.76
N LEU A 309 -8.51 20.58 -13.50
CA LEU A 309 -9.32 21.36 -12.58
C LEU A 309 -8.72 22.76 -12.42
N ALA A 310 -7.41 22.83 -12.22
CA ALA A 310 -6.69 24.09 -12.07
C ALA A 310 -6.91 25.00 -13.26
N GLN A 311 -6.74 24.44 -14.45
CA GLN A 311 -6.99 25.17 -15.68
C GLN A 311 -8.44 25.66 -15.75
N MET A 312 -9.41 24.75 -15.60
CA MET A 312 -10.82 25.17 -15.66
C MET A 312 -11.13 26.33 -14.72
N PHE A 313 -10.83 26.16 -13.43
CA PHE A 313 -11.16 27.21 -12.48
C PHE A 313 -10.45 28.53 -12.77
N SER A 314 -9.22 28.46 -13.26
CA SER A 314 -8.54 29.68 -13.66
C SER A 314 -9.30 30.39 -14.78
N ASP A 315 -9.79 29.62 -15.75
CA ASP A 315 -10.58 30.19 -16.84
C ASP A 315 -11.90 30.76 -16.36
N MET A 316 -12.53 30.09 -15.40
CA MET A 316 -13.82 30.56 -14.92
C MET A 316 -13.67 31.88 -14.15
N VAL A 317 -12.56 32.05 -13.46
CA VAL A 317 -12.32 33.29 -12.74
C VAL A 317 -12.03 34.41 -13.71
N LEU A 318 -11.14 34.16 -14.67
CA LEU A 318 -10.65 35.21 -15.56
C LEU A 318 -11.59 35.55 -16.72
N LYS A 319 -12.23 34.54 -17.31
CA LYS A 319 -13.17 34.80 -18.39
C LYS A 319 -14.61 34.89 -17.90
N ASP A 320 -15.05 33.92 -17.12
CA ASP A 320 -16.48 33.75 -16.91
C ASP A 320 -17.05 34.45 -15.67
N GLY A 321 -16.20 35.12 -14.90
CA GLY A 321 -16.68 35.95 -13.82
C GLY A 321 -16.90 35.26 -12.49
N PHE A 322 -16.54 33.98 -12.42
CA PHE A 322 -16.53 33.27 -11.15
C PHE A 322 -15.66 34.04 -10.14
N GLN A 323 -16.20 34.23 -8.93
CA GLN A 323 -15.55 34.96 -7.85
C GLN A 323 -15.64 34.18 -6.54
N PRO A 324 -14.77 33.19 -6.37
CA PRO A 324 -14.70 32.39 -5.14
C PRO A 324 -14.55 33.30 -3.93
N SER A 325 -15.35 33.07 -2.90
CA SER A 325 -15.22 33.84 -1.67
C SER A 325 -13.88 33.52 -1.01
N ARG A 326 -13.59 32.23 -0.90
CA ARG A 326 -12.36 31.78 -0.27
C ARG A 326 -11.41 31.23 -1.33
N SER A 327 -10.14 31.06 -0.96
CA SER A 327 -9.13 30.64 -1.91
C SER A 327 -9.22 29.16 -2.24
N ILE A 328 -8.73 28.79 -3.41
CA ILE A 328 -8.62 27.40 -3.84
C ILE A 328 -7.15 27.14 -4.08
N ILE A 329 -6.62 26.15 -3.38
CA ILE A 329 -5.21 25.79 -3.55
C ILE A 329 -5.13 24.43 -4.22
N PHE A 330 -4.31 24.35 -5.27
CA PHE A 330 -4.06 23.08 -5.94
C PHE A 330 -2.67 22.58 -5.54
N ALA A 331 -2.61 21.32 -5.10
CA ALA A 331 -1.39 20.76 -4.54
C ALA A 331 -0.93 19.49 -5.25
N SER A 332 0.25 19.53 -5.84
CA SER A 332 0.87 18.35 -6.42
C SER A 332 1.88 17.78 -5.42
N TRP A 333 1.56 16.65 -4.81
CA TRP A 333 2.40 16.10 -3.76
C TRP A 333 3.46 15.16 -4.30
N SER A 334 4.58 15.07 -3.58
CA SER A 334 5.58 14.05 -3.87
C SER A 334 5.73 13.08 -2.71
N ALA A 335 6.41 11.97 -2.96
CA ALA A 335 6.58 10.93 -1.96
C ALA A 335 5.25 10.46 -1.37
N GLY A 336 4.21 10.47 -2.18
CA GLY A 336 2.94 9.91 -1.76
C GLY A 336 3.05 8.41 -1.55
N ASP A 337 3.89 7.77 -2.36
CA ASP A 337 4.00 6.30 -2.42
C ASP A 337 4.61 5.76 -1.13
N PHE A 338 5.25 6.64 -0.37
CA PHE A 338 5.91 6.30 0.88
C PHE A 338 5.07 6.61 2.11
N GLY A 339 3.81 6.97 1.90
CA GLY A 339 2.93 7.33 2.99
C GLY A 339 2.63 8.81 3.03
N SER A 340 2.10 9.35 1.93
CA SER A 340 1.71 10.75 1.90
C SER A 340 2.79 11.63 2.52
N VAL A 341 4.05 11.29 2.29
CA VAL A 341 5.13 12.00 2.96
C VAL A 341 5.13 13.50 2.62
N GLY A 342 5.08 13.81 1.33
CA GLY A 342 4.97 15.19 0.90
C GLY A 342 3.88 15.94 1.63
N ALA A 343 2.67 15.40 1.58
CA ALA A 343 1.51 16.02 2.21
C ALA A 343 1.70 16.24 3.71
N THR A 344 2.19 15.21 4.38
CA THR A 344 2.37 15.23 5.82
C THR A 344 3.43 16.26 6.24
N GLU A 345 4.52 16.34 5.48
CA GLU A 345 5.60 17.28 5.82
C GLU A 345 5.06 18.70 5.82
N TRP A 346 4.29 19.02 4.80
CA TRP A 346 3.66 20.31 4.71
C TRP A 346 2.65 20.53 5.86
N LEU A 347 1.74 19.58 6.05
CA LEU A 347 0.82 19.63 7.19
C LEU A 347 1.53 19.93 8.52
N GLU A 348 2.72 19.34 8.70
CA GLU A 348 3.43 19.43 9.99
C GLU A 348 4.02 20.83 10.28
N GLY A 349 4.20 21.65 9.25
CA GLY A 349 4.56 23.04 9.46
C GLY A 349 3.47 23.82 10.19
N TYR A 350 2.24 23.35 10.09
CA TYR A 350 1.11 24.07 10.67
C TYR A 350 0.30 23.15 11.56
N LEU A 351 1.00 22.36 12.38
CA LEU A 351 0.35 21.41 13.28
C LEU A 351 -1.02 21.86 13.78
N SER A 352 -1.04 22.94 14.55
CA SER A 352 -2.25 23.38 15.22
C SER A 352 -2.86 24.65 14.63
N SER A 353 -2.20 25.22 13.62
CA SER A 353 -2.71 26.44 13.03
C SER A 353 -3.42 26.22 11.69
N LEU A 354 -3.11 25.14 10.99
CA LEU A 354 -3.69 24.93 9.66
C LEU A 354 -5.22 24.91 9.64
N HIS A 355 -5.85 24.39 10.68
CA HIS A 355 -7.31 24.25 10.68
C HIS A 355 -8.02 25.59 10.75
N LEU A 356 -7.26 26.66 10.89
CA LEU A 356 -7.84 28.01 10.91
C LEU A 356 -7.79 28.64 9.52
N LYS A 357 -7.16 27.94 8.57
CA LYS A 357 -7.04 28.46 7.22
C LYS A 357 -7.66 27.49 6.21
N ALA A 358 -7.25 26.23 6.26
CA ALA A 358 -7.82 25.21 5.38
C ALA A 358 -9.08 24.58 5.97
N PHE A 359 -10.23 24.78 5.33
CA PHE A 359 -11.48 24.24 5.87
C PHE A 359 -11.92 22.95 5.20
N THR A 360 -11.25 22.57 4.12
CA THR A 360 -11.55 21.31 3.48
C THR A 360 -10.42 20.86 2.58
N TYR A 361 -10.13 19.57 2.61
CA TYR A 361 -9.18 18.97 1.68
C TYR A 361 -9.91 17.95 0.80
N ILE A 362 -9.73 18.08 -0.50
CA ILE A 362 -10.25 17.13 -1.45
C ILE A 362 -9.10 16.36 -2.08
N ASN A 363 -9.06 15.06 -1.86
CA ASN A 363 -8.03 14.20 -2.45
C ASN A 363 -8.46 13.68 -3.81
N LEU A 364 -7.56 13.70 -4.78
CA LEU A 364 -7.86 13.26 -6.15
C LEU A 364 -7.19 11.95 -6.55
N ASP A 365 -6.56 11.28 -5.61
CA ASP A 365 -5.82 10.07 -5.90
C ASP A 365 -6.69 8.85 -6.20
N LYS A 366 -6.37 8.17 -7.29
CA LYS A 366 -7.05 6.94 -7.66
C LYS A 366 -8.55 7.13 -7.76
N ALA A 367 -8.95 8.29 -8.29
CA ALA A 367 -10.36 8.62 -8.48
C ALA A 367 -11.00 7.77 -9.56
N VAL A 368 -10.18 7.24 -10.45
CA VAL A 368 -10.66 6.42 -11.55
C VAL A 368 -9.97 5.07 -11.61
N LEU A 369 -10.70 4.02 -11.24
CA LEU A 369 -10.17 2.67 -11.17
C LEU A 369 -11.10 1.67 -11.80
N GLY A 370 -12.31 2.11 -12.11
CA GLY A 370 -13.31 1.21 -12.63
C GLY A 370 -14.54 2.00 -13.02
N THR A 371 -15.65 1.30 -13.16
CA THR A 371 -16.83 1.88 -13.76
C THR A 371 -18.08 1.57 -12.95
N SER A 372 -18.05 0.45 -12.24
CA SER A 372 -19.24 -0.08 -11.61
C SER A 372 -19.76 0.78 -10.45
N ASN A 373 -18.84 1.26 -9.64
CA ASN A 373 -19.24 1.89 -8.39
C ASN A 373 -18.71 3.29 -8.23
N PHE A 374 -19.32 4.03 -7.32
CA PHE A 374 -18.80 5.30 -6.88
C PHE A 374 -18.66 5.24 -5.36
N LYS A 375 -17.43 5.28 -4.88
CA LYS A 375 -17.15 5.18 -3.46
C LYS A 375 -16.70 6.52 -2.93
N VAL A 376 -17.00 6.77 -1.66
CA VAL A 376 -16.64 8.01 -1.01
C VAL A 376 -16.22 7.74 0.43
N SER A 377 -15.16 8.39 0.89
CA SER A 377 -14.83 8.37 2.29
C SER A 377 -14.58 9.79 2.68
N ALA A 378 -15.05 10.19 3.85
CA ALA A 378 -14.96 11.58 4.24
C ALA A 378 -15.35 11.83 5.66
N SER A 379 -14.98 13.01 6.15
CA SER A 379 -15.56 13.54 7.38
C SER A 379 -17.05 13.60 7.22
N PRO A 380 -17.79 13.32 8.30
CA PRO A 380 -19.25 13.49 8.27
C PRO A 380 -19.66 14.93 7.97
N LEU A 381 -18.74 15.87 8.20
CA LEU A 381 -19.01 17.29 7.94
C LEU A 381 -19.29 17.57 6.47
N LEU A 382 -18.93 16.63 5.60
CA LEU A 382 -19.11 16.84 4.17
C LEU A 382 -20.16 15.92 3.59
N TYR A 383 -20.85 15.15 4.43
CA TYR A 383 -21.83 14.22 3.89
C TYR A 383 -22.92 14.94 3.10
N THR A 384 -23.39 16.08 3.60
CA THR A 384 -24.45 16.82 2.91
C THR A 384 -23.97 17.35 1.54
N LEU A 385 -22.80 17.98 1.52
CA LEU A 385 -22.20 18.43 0.28
C LEU A 385 -22.07 17.27 -0.71
N ILE A 386 -21.56 16.14 -0.22
CA ILE A 386 -21.38 14.96 -1.03
C ILE A 386 -22.69 14.46 -1.60
N GLU A 387 -23.73 14.47 -0.77
CA GLU A 387 -25.04 14.01 -1.19
C GLU A 387 -25.63 14.90 -2.25
N LYS A 388 -25.65 16.20 -2.00
CA LYS A 388 -26.22 17.12 -2.99
C LYS A 388 -25.45 17.02 -4.29
N THR A 389 -24.14 16.74 -4.19
CA THR A 389 -23.31 16.65 -5.38
C THR A 389 -23.63 15.40 -6.17
N MET A 390 -23.84 14.29 -5.48
CA MET A 390 -24.23 13.05 -6.18
C MET A 390 -25.61 13.17 -6.78
N GLN A 391 -26.43 14.08 -6.25
CA GLN A 391 -27.80 14.21 -6.72
C GLN A 391 -27.88 14.94 -8.04
N ASN A 392 -26.80 15.60 -8.44
CA ASN A 392 -26.82 16.23 -9.76
C ASN A 392 -25.57 16.00 -10.60
N VAL A 393 -24.77 15.00 -10.22
CA VAL A 393 -23.76 14.46 -11.11
C VAL A 393 -24.17 13.08 -11.61
N LYS A 394 -24.01 12.86 -12.92
CA LYS A 394 -24.44 11.63 -13.56
C LYS A 394 -23.32 10.60 -13.69
N HIS A 395 -23.70 9.33 -13.60
CA HIS A 395 -22.78 8.23 -13.84
C HIS A 395 -22.36 8.21 -15.31
N PRO A 396 -21.05 8.07 -15.58
CA PRO A 396 -20.43 8.21 -16.91
C PRO A 396 -20.91 7.16 -17.88
N VAL A 397 -21.23 5.99 -17.37
CA VAL A 397 -21.68 4.90 -18.21
C VAL A 397 -23.20 4.85 -18.17
N THR A 398 -23.71 4.82 -16.96
CA THR A 398 -25.09 4.54 -16.67
C THR A 398 -26.06 5.66 -17.08
N GLY A 399 -25.67 6.92 -16.85
CA GLY A 399 -26.53 8.05 -17.17
C GLY A 399 -27.44 8.48 -16.02
N GLN A 400 -27.55 7.63 -15.00
CA GLN A 400 -28.36 7.94 -13.81
C GLN A 400 -27.52 8.82 -12.87
N PHE A 401 -28.18 9.57 -12.00
CA PHE A 401 -27.46 10.35 -11.01
C PHE A 401 -26.72 9.41 -10.08
N LEU A 402 -25.55 9.84 -9.59
CA LEU A 402 -24.77 9.01 -8.68
C LEU A 402 -25.57 8.64 -7.44
N TYR A 403 -26.50 9.50 -7.06
CA TYR A 403 -27.28 9.30 -5.84
C TYR A 403 -28.39 8.30 -6.10
N GLN A 404 -28.27 7.12 -5.50
CA GLN A 404 -29.24 6.07 -5.76
C GLN A 404 -29.67 5.37 -4.46
N ASP A 405 -28.98 5.68 -3.37
CA ASP A 405 -29.25 5.07 -2.07
C ASP A 405 -29.40 6.13 -0.98
N SER A 406 -30.63 6.32 -0.51
CA SER A 406 -30.93 7.29 0.55
C SER A 406 -30.15 7.04 1.83
N ASN A 407 -29.53 5.87 1.93
CA ASN A 407 -28.91 5.45 3.18
C ASN A 407 -27.40 5.31 3.05
N TRP A 408 -26.86 5.83 1.96
CA TRP A 408 -25.44 5.72 1.63
C TRP A 408 -24.51 6.16 2.77
N ALA A 409 -24.93 7.14 3.57
CA ALA A 409 -24.08 7.70 4.61
C ALA A 409 -23.73 6.76 5.77
N SER A 410 -24.58 5.79 6.04
CA SER A 410 -24.34 4.88 7.15
C SER A 410 -23.45 3.73 6.71
N LYS A 411 -23.24 3.62 5.40
CA LYS A 411 -22.43 2.56 4.82
C LYS A 411 -21.07 3.08 4.36
N VAL A 412 -20.78 4.33 4.71
CA VAL A 412 -19.53 4.97 4.33
C VAL A 412 -18.38 4.47 5.19
N GLU A 413 -17.31 3.99 4.55
CA GLU A 413 -16.14 3.51 5.28
C GLU A 413 -15.16 4.64 5.54
N LYS A 414 -14.43 4.55 6.64
CA LYS A 414 -13.62 5.69 7.03
C LYS A 414 -12.30 5.74 6.28
N LEU A 415 -11.73 6.93 6.17
CA LEU A 415 -10.43 7.10 5.55
C LEU A 415 -9.41 6.20 6.20
N THR A 416 -8.58 5.55 5.39
CA THR A 416 -7.50 4.72 5.88
C THR A 416 -6.14 5.38 5.69
N LEU A 417 -5.13 4.78 6.30
CA LEU A 417 -3.81 5.38 6.44
C LEU A 417 -3.10 5.62 5.10
N ASP A 418 -3.42 4.79 4.11
CA ASP A 418 -2.81 4.89 2.80
C ASP A 418 -3.43 6.01 1.96
N ASN A 419 -4.34 6.75 2.54
CA ASN A 419 -5.01 7.83 1.82
C ASN A 419 -4.48 9.18 2.26
N ALA A 420 -4.09 10.02 1.30
CA ALA A 420 -3.52 11.32 1.66
C ALA A 420 -4.54 12.17 2.41
N ALA A 421 -5.82 11.81 2.29
CA ALA A 421 -6.90 12.54 2.95
C ALA A 421 -6.89 12.29 4.44
N PHE A 422 -6.29 11.17 4.82
CA PHE A 422 -6.21 10.73 6.21
C PHE A 422 -5.47 11.71 7.16
N PRO A 423 -4.20 12.05 6.85
CA PRO A 423 -3.51 12.97 7.77
C PRO A 423 -4.23 14.31 7.92
N PHE A 424 -4.84 14.81 6.84
CA PHE A 424 -5.59 16.05 6.91
C PHE A 424 -6.66 15.99 7.99
N LEU A 425 -7.51 14.98 7.90
CA LEU A 425 -8.61 14.81 8.84
C LEU A 425 -8.09 14.45 10.22
N ALA A 426 -7.31 13.37 10.31
CA ALA A 426 -7.00 12.78 11.62
C ALA A 426 -5.84 13.43 12.37
N TYR A 427 -4.93 14.05 11.63
CA TYR A 427 -3.78 14.71 12.22
C TYR A 427 -3.94 16.23 12.31
N SER A 428 -4.54 16.83 11.28
CA SER A 428 -4.69 18.29 11.20
C SER A 428 -6.07 18.83 11.58
N GLY A 429 -7.10 17.99 11.51
CA GLY A 429 -8.42 18.41 11.95
C GLY A 429 -9.10 19.23 10.88
N ILE A 430 -8.78 18.90 9.64
CA ILE A 430 -9.35 19.51 8.48
C ILE A 430 -10.23 18.47 7.81
N PRO A 431 -11.53 18.77 7.62
CA PRO A 431 -12.44 17.83 6.98
C PRO A 431 -11.89 17.46 5.61
N ALA A 432 -12.02 16.19 5.26
CA ALA A 432 -11.39 15.71 4.03
C ALA A 432 -12.29 14.70 3.35
N VAL A 433 -12.11 14.56 2.05
CA VAL A 433 -12.91 13.65 1.26
C VAL A 433 -12.07 13.03 0.15
N SER A 434 -12.18 11.71 0.02
CA SER A 434 -11.66 10.97 -1.12
C SER A 434 -12.82 10.21 -1.75
N PHE A 435 -12.77 10.03 -3.06
CA PHE A 435 -13.85 9.36 -3.75
C PHE A 435 -13.28 8.73 -5.00
N CYS A 436 -14.00 7.78 -5.59
CA CYS A 436 -13.58 7.18 -6.86
C CYS A 436 -14.68 6.38 -7.55
N PHE A 437 -14.50 6.16 -8.84
CA PHE A 437 -15.26 5.17 -9.57
C PHE A 437 -14.42 3.90 -9.56
N CYS A 438 -15.04 2.78 -9.21
CA CYS A 438 -14.25 1.56 -9.02
C CYS A 438 -15.11 0.32 -9.06
N GLU A 439 -14.51 -0.84 -8.78
CA GLU A 439 -15.27 -2.08 -8.63
C GLU A 439 -15.19 -2.61 -7.22
N ASP A 440 -15.75 -3.81 -7.04
CA ASP A 440 -15.70 -4.51 -5.77
C ASP A 440 -14.32 -5.15 -5.66
N THR A 441 -13.50 -4.85 -6.65
CA THR A 441 -12.20 -5.47 -6.81
C THR A 441 -11.14 -4.39 -6.79
N ASP A 442 -10.02 -4.67 -6.18
CA ASP A 442 -8.93 -3.71 -6.17
C ASP A 442 -8.39 -3.59 -7.60
N TYR A 443 -7.90 -2.41 -7.95
CA TYR A 443 -7.22 -2.28 -9.23
C TYR A 443 -5.93 -3.07 -9.09
N PRO A 444 -5.81 -4.18 -9.84
CA PRO A 444 -4.70 -5.12 -9.66
C PRO A 444 -3.32 -4.53 -9.94
N TYR A 445 -3.21 -3.55 -10.83
CA TYR A 445 -1.87 -3.18 -11.26
C TYR A 445 -1.21 -2.12 -10.42
N LEU A 446 -1.89 -1.67 -9.38
CA LEU A 446 -1.35 -0.63 -8.52
C LEU A 446 -0.04 -1.09 -7.88
N GLY A 447 0.97 -0.23 -7.93
CA GLY A 447 2.28 -0.56 -7.36
C GLY A 447 3.10 -1.48 -8.23
N THR A 448 2.71 -1.62 -9.50
CA THR A 448 3.47 -2.45 -10.41
C THR A 448 3.93 -1.64 -11.60
N THR A 449 4.69 -2.29 -12.49
CA THR A 449 5.16 -1.66 -13.71
C THR A 449 4.08 -1.77 -14.78
N MET A 450 3.00 -2.47 -14.47
CA MET A 450 1.88 -2.59 -15.37
C MET A 450 0.81 -1.48 -15.17
N ASP A 451 1.03 -0.58 -14.22
CA ASP A 451 0.11 0.55 -14.04
C ASP A 451 0.40 1.57 -15.12
N THR A 452 0.03 1.25 -16.36
CA THR A 452 0.27 2.14 -17.49
C THR A 452 -1.03 2.70 -18.07
N TYR A 453 -0.91 3.77 -18.84
CA TYR A 453 -2.05 4.31 -19.56
C TYR A 453 -2.71 3.25 -20.43
N LYS A 454 -1.89 2.49 -21.15
CA LYS A 454 -2.42 1.51 -22.08
C LYS A 454 -3.26 0.48 -21.33
N GLU A 455 -2.78 0.08 -20.17
CA GLU A 455 -3.51 -0.86 -19.35
C GLU A 455 -4.80 -0.21 -18.89
N LEU A 456 -4.69 1.03 -18.41
CA LEU A 456 -5.83 1.80 -17.95
C LEU A 456 -6.89 1.99 -19.03
N ILE A 457 -6.48 2.45 -20.21
CA ILE A 457 -7.43 2.75 -21.27
C ILE A 457 -8.08 1.45 -21.79
N GLU A 458 -7.45 0.33 -21.47
CA GLU A 458 -7.96 -0.98 -21.88
C GLU A 458 -9.06 -1.53 -20.97
N ARG A 459 -8.87 -1.41 -19.66
CA ARG A 459 -9.90 -1.89 -18.75
C ARG A 459 -11.04 -0.88 -18.68
N ILE A 460 -10.74 0.36 -19.05
CA ILE A 460 -11.72 1.43 -18.99
C ILE A 460 -11.67 2.26 -20.27
N PRO A 461 -12.37 1.80 -21.31
CA PRO A 461 -12.30 2.49 -22.60
C PRO A 461 -12.99 3.86 -22.54
N GLU A 462 -13.88 4.03 -21.56
CA GLU A 462 -14.61 5.29 -21.38
C GLU A 462 -13.84 6.22 -20.45
N LEU A 463 -12.54 5.98 -20.33
CA LEU A 463 -11.67 6.72 -19.43
C LEU A 463 -11.95 8.22 -19.40
N ASN A 464 -11.99 8.86 -20.57
CA ASN A 464 -12.23 10.29 -20.66
C ASN A 464 -13.53 10.73 -20.00
N LYS A 465 -14.62 10.00 -20.27
CA LYS A 465 -15.92 10.27 -19.66
C LYS A 465 -15.89 10.05 -18.15
N VAL A 466 -15.24 8.98 -17.71
CA VAL A 466 -15.19 8.69 -16.27
C VAL A 466 -14.33 9.73 -15.52
N ALA A 467 -13.16 10.04 -16.07
CA ALA A 467 -12.34 11.09 -15.48
C ALA A 467 -13.14 12.37 -15.45
N ARG A 468 -13.95 12.59 -16.49
CA ARG A 468 -14.79 13.78 -16.56
C ARG A 468 -15.78 13.84 -15.41
N ALA A 469 -16.40 12.71 -15.08
CA ALA A 469 -17.33 12.66 -13.95
C ALA A 469 -16.60 12.88 -12.63
N ALA A 470 -15.38 12.34 -12.52
CA ALA A 470 -14.58 12.57 -11.32
C ALA A 470 -14.26 14.05 -11.14
N ALA A 471 -14.04 14.75 -12.25
CA ALA A 471 -13.71 16.18 -12.17
C ALA A 471 -14.93 17.01 -11.77
N GLU A 472 -16.11 16.53 -12.17
CA GLU A 472 -17.33 17.25 -11.89
C GLU A 472 -17.68 17.19 -10.41
N VAL A 473 -17.51 16.03 -9.79
CA VAL A 473 -17.74 15.99 -8.36
C VAL A 473 -16.74 16.88 -7.64
N ALA A 474 -15.45 16.72 -7.91
CA ALA A 474 -14.46 17.59 -7.26
C ALA A 474 -14.74 19.06 -7.55
N GLY A 475 -15.04 19.38 -8.80
CA GLY A 475 -15.38 20.74 -9.17
C GLY A 475 -16.61 21.31 -8.46
N GLN A 476 -17.68 20.52 -8.40
CA GLN A 476 -18.85 20.99 -7.68
C GLN A 476 -18.55 21.18 -6.20
N PHE A 477 -17.85 20.23 -5.58
CA PHE A 477 -17.36 20.42 -4.22
C PHE A 477 -16.73 21.81 -4.13
N VAL A 478 -15.77 22.09 -5.00
CA VAL A 478 -14.96 23.30 -4.89
C VAL A 478 -15.78 24.55 -5.11
N ILE A 479 -16.75 24.48 -6.00
CA ILE A 479 -17.57 25.66 -6.22
C ILE A 479 -18.49 25.90 -5.02
N LYS A 480 -19.29 24.90 -4.67
CA LYS A 480 -20.17 25.05 -3.52
C LYS A 480 -19.42 25.65 -2.34
N LEU A 481 -18.25 25.09 -2.06
CA LEU A 481 -17.47 25.45 -0.88
C LEU A 481 -16.98 26.90 -0.89
N THR A 482 -16.74 27.45 -2.08
CA THR A 482 -16.24 28.81 -2.17
C THR A 482 -17.28 29.79 -2.68
N HIS A 483 -18.51 29.31 -2.84
CA HIS A 483 -19.55 30.18 -3.37
C HIS A 483 -20.58 30.56 -2.30
N ASP A 484 -21.14 29.56 -1.64
CA ASP A 484 -22.15 29.79 -0.60
C ASP A 484 -21.59 30.66 0.51
N VAL A 485 -22.42 31.50 1.11
CA VAL A 485 -21.94 32.40 2.15
C VAL A 485 -21.71 31.64 3.45
N GLU A 486 -22.50 30.62 3.69
CA GLU A 486 -22.24 29.69 4.77
C GLU A 486 -21.23 28.67 4.28
N LEU A 487 -20.52 28.04 5.20
CA LEU A 487 -19.70 26.92 4.82
C LEU A 487 -20.55 25.67 4.74
N ASN A 488 -20.36 24.91 3.67
CA ASN A 488 -21.07 23.66 3.48
C ASN A 488 -20.46 22.56 4.33
N LEU A 489 -20.23 22.86 5.60
CA LEU A 489 -19.80 21.85 6.54
C LEU A 489 -20.98 21.61 7.48
N ASP A 490 -21.51 20.39 7.44
CA ASP A 490 -22.71 20.05 8.19
C ASP A 490 -22.33 19.56 9.58
N TYR A 491 -22.14 20.49 10.50
CA TYR A 491 -21.71 20.20 11.85
C TYR A 491 -22.74 19.37 12.63
N GLU A 492 -24.01 19.51 12.26
CA GLU A 492 -25.04 18.68 12.88
C GLU A 492 -24.81 17.17 12.73
N ARG A 493 -24.06 16.78 11.70
CA ARG A 493 -23.77 15.36 11.45
C ARG A 493 -23.12 14.65 12.65
N TYR A 494 -22.34 15.38 13.43
CA TYR A 494 -21.66 14.76 14.56
C TYR A 494 -22.60 14.45 15.72
N ASN A 495 -23.83 14.94 15.67
CA ASN A 495 -24.83 14.44 16.61
C ASN A 495 -25.13 12.95 16.37
N SER A 496 -25.33 12.58 15.11
CA SER A 496 -25.55 11.17 14.77
C SER A 496 -24.37 10.32 15.22
N GLN A 497 -23.16 10.82 14.94
CA GLN A 497 -21.94 10.12 15.33
C GLN A 497 -21.85 9.89 16.85
N LEU A 498 -22.05 10.94 17.63
CA LEU A 498 -22.04 10.83 19.08
C LEU A 498 -23.15 9.91 19.55
N LEU A 499 -24.34 10.06 18.97
CA LEU A 499 -25.47 9.19 19.27
C LEU A 499 -25.11 7.73 19.03
N SER A 500 -24.68 7.44 17.82
CA SER A 500 -24.22 6.11 17.47
C SER A 500 -23.20 5.56 18.48
N PHE A 501 -22.27 6.41 18.91
CA PHE A 501 -21.22 5.96 19.82
C PHE A 501 -21.74 5.67 21.21
N VAL A 502 -22.48 6.61 21.77
CA VAL A 502 -23.11 6.38 23.06
C VAL A 502 -24.08 5.20 22.97
N ARG A 503 -24.80 5.10 21.86
CA ARG A 503 -25.73 3.99 21.66
C ARG A 503 -25.02 2.65 21.80
N ASP A 504 -23.81 2.60 21.27
CA ASP A 504 -22.97 1.41 21.40
C ASP A 504 -22.53 1.23 22.84
N LEU A 505 -22.06 2.31 23.43
CA LEU A 505 -21.53 2.26 24.78
C LEU A 505 -22.60 1.81 25.75
N ASN A 506 -23.82 2.30 25.55
CA ASN A 506 -24.94 1.92 26.41
C ASN A 506 -25.25 0.41 26.42
N GLN A 507 -24.62 -0.35 25.54
CA GLN A 507 -24.76 -1.81 25.54
C GLN A 507 -23.92 -2.46 26.64
N TYR A 508 -23.47 -1.64 27.59
CA TYR A 508 -22.65 -2.10 28.71
C TYR A 508 -23.05 -1.35 29.99
N ARG A 509 -24.27 -0.83 30.03
CA ARG A 509 -24.68 -0.04 31.19
C ARG A 509 -24.61 -0.87 32.45
N ALA A 510 -24.40 -2.18 32.27
CA ALA A 510 -24.27 -3.11 33.38
C ALA A 510 -22.83 -3.13 33.87
N ASP A 511 -21.91 -3.32 32.94
CA ASP A 511 -20.50 -3.37 33.27
C ASP A 511 -19.97 -2.04 33.83
N ILE A 512 -20.67 -0.95 33.57
CA ILE A 512 -20.29 0.35 34.09
C ILE A 512 -20.74 0.47 35.55
N LYS A 513 -21.73 -0.33 35.92
CA LYS A 513 -22.15 -0.45 37.32
C LYS A 513 -21.09 -1.20 38.14
N GLU A 514 -20.70 -2.38 37.66
CA GLU A 514 -19.76 -3.24 38.39
C GLU A 514 -18.39 -2.59 38.55
N MET A 515 -18.26 -1.34 38.10
CA MET A 515 -17.00 -0.65 38.21
C MET A 515 -17.13 0.64 39.00
N GLY A 516 -18.35 0.91 39.46
CA GLY A 516 -18.62 2.08 40.29
C GLY A 516 -18.69 3.39 39.54
N LEU A 517 -18.83 3.28 38.22
CA LEU A 517 -18.81 4.43 37.31
C LEU A 517 -20.20 4.85 36.81
N SER A 518 -20.41 6.16 36.74
CA SER A 518 -21.60 6.73 36.11
C SER A 518 -21.20 7.25 34.72
N LEU A 519 -22.11 7.17 33.76
CA LEU A 519 -21.84 7.68 32.42
C LEU A 519 -22.51 9.03 32.27
N GLN A 520 -22.92 9.59 33.40
CA GLN A 520 -23.75 10.77 33.40
C GLN A 520 -23.07 11.99 32.81
N TRP A 521 -21.80 12.18 33.13
CA TRP A 521 -21.08 13.33 32.61
C TRP A 521 -20.85 13.23 31.10
N LEU A 522 -20.81 12.01 30.58
CA LEU A 522 -20.68 11.80 29.14
C LEU A 522 -22.00 12.08 28.44
N TYR A 523 -23.11 11.65 29.03
CA TYR A 523 -24.40 11.94 28.43
C TYR A 523 -24.56 13.45 28.35
N SER A 524 -24.18 14.12 29.42
CA SER A 524 -24.29 15.57 29.49
C SER A 524 -23.41 16.27 28.44
N ALA A 525 -22.24 15.72 28.16
CA ALA A 525 -21.41 16.26 27.09
C ALA A 525 -22.14 16.13 25.76
N ARG A 526 -22.65 14.94 25.48
CA ARG A 526 -23.42 14.74 24.24
C ARG A 526 -24.60 15.70 24.13
N GLY A 527 -25.37 15.84 25.20
CA GLY A 527 -26.45 16.80 25.23
C GLY A 527 -25.99 18.22 24.93
N ASP A 528 -24.91 18.62 25.60
CA ASP A 528 -24.32 19.95 25.41
C ASP A 528 -23.82 20.20 23.98
N PHE A 529 -23.30 19.17 23.33
CA PHE A 529 -22.92 19.34 21.94
C PHE A 529 -24.18 19.55 21.08
N PHE A 530 -25.22 18.77 21.36
CA PHE A 530 -26.47 18.93 20.64
C PHE A 530 -27.01 20.35 20.75
N ARG A 531 -27.07 20.84 21.99
CA ARG A 531 -27.47 22.22 22.25
C ARG A 531 -26.58 23.19 21.47
N ALA A 532 -25.28 22.94 21.48
CA ALA A 532 -24.36 23.87 20.84
C ALA A 532 -24.64 23.93 19.34
N THR A 533 -24.86 22.78 18.71
CA THR A 533 -25.19 22.82 17.27
C THR A 533 -26.52 23.50 17.01
N SER A 534 -27.53 23.21 17.84
CA SER A 534 -28.86 23.81 17.66
C SER A 534 -28.81 25.32 17.74
N ARG A 535 -28.05 25.83 18.69
CA ARG A 535 -27.90 27.25 18.85
C ARG A 535 -27.22 27.84 17.62
N LEU A 536 -26.24 27.11 17.10
CA LEU A 536 -25.48 27.59 15.94
C LEU A 536 -26.35 27.64 14.70
N THR A 537 -27.23 26.67 14.55
CA THR A 537 -28.12 26.68 13.40
C THR A 537 -29.07 27.87 13.48
N THR A 538 -29.62 28.10 14.67
CA THR A 538 -30.48 29.24 14.92
C THR A 538 -29.78 30.54 14.60
N ASP A 539 -28.54 30.68 15.10
CA ASP A 539 -27.74 31.86 14.80
C ASP A 539 -27.54 32.10 13.31
N PHE A 540 -27.25 31.03 12.57
CA PHE A 540 -27.13 31.15 11.13
C PHE A 540 -28.42 31.66 10.51
N GLY A 541 -29.54 31.06 10.88
CA GLY A 541 -30.83 31.47 10.37
C GLY A 541 -31.15 32.93 10.67
N ASN A 542 -30.80 33.38 11.86
CA ASN A 542 -31.09 34.75 12.26
C ASN A 542 -30.06 35.75 11.77
N ALA A 543 -29.00 35.27 11.14
CA ALA A 543 -27.97 36.17 10.66
C ALA A 543 -28.34 36.76 9.31
N GLU A 544 -27.85 37.97 9.06
CA GLU A 544 -28.03 38.66 7.79
C GLU A 544 -26.94 38.18 6.83
N LYS A 545 -27.32 37.35 5.87
CA LYS A 545 -26.37 36.69 4.97
C LYS A 545 -25.45 37.65 4.25
N THR A 546 -25.79 38.94 4.26
CA THR A 546 -25.00 39.95 3.55
C THR A 546 -24.01 40.66 4.48
N ASP A 547 -24.01 40.28 5.75
CA ASP A 547 -23.12 40.89 6.72
C ASP A 547 -21.89 40.01 6.92
N ARG A 548 -20.81 40.31 6.19
CA ARG A 548 -19.66 39.41 6.16
C ARG A 548 -18.96 39.29 7.51
N PHE A 549 -19.22 40.22 8.40
CA PHE A 549 -18.66 40.18 9.74
C PHE A 549 -19.32 39.08 10.60
N VAL A 550 -20.65 39.06 10.62
CA VAL A 550 -21.37 38.04 11.37
C VAL A 550 -21.17 36.66 10.75
N MET A 551 -21.17 36.58 9.43
CA MET A 551 -20.92 35.31 8.76
C MET A 551 -19.51 34.79 9.06
N LYS A 552 -18.52 35.67 8.96
CA LYS A 552 -17.16 35.33 9.32
C LYS A 552 -17.13 34.66 10.69
N LYS A 553 -17.75 35.31 11.67
CA LYS A 553 -17.81 34.79 13.04
C LYS A 553 -18.50 33.43 13.14
N LEU A 554 -19.61 33.26 12.46
CA LEU A 554 -20.32 31.99 12.45
C LEU A 554 -19.54 30.93 11.65
N ASN A 555 -18.99 31.33 10.51
CA ASN A 555 -18.21 30.38 9.74
C ASN A 555 -16.97 29.91 10.46
N ASP A 556 -16.30 30.81 11.18
CA ASP A 556 -15.12 30.45 11.96
C ASP A 556 -15.45 29.41 13.02
N ARG A 557 -16.62 29.53 13.61
CA ARG A 557 -17.06 28.53 14.57
C ARG A 557 -17.22 27.17 13.90
N VAL A 558 -17.77 27.15 12.68
CA VAL A 558 -17.94 25.89 11.98
C VAL A 558 -16.60 25.29 11.59
N MET A 559 -15.65 26.16 11.25
CA MET A 559 -14.32 25.74 10.81
C MET A 559 -13.51 25.05 11.93
N ARG A 560 -13.98 25.17 13.15
CA ARG A 560 -13.23 24.70 14.31
C ARG A 560 -13.81 23.42 14.88
N VAL A 561 -15.02 23.08 14.45
CA VAL A 561 -15.67 21.86 14.88
C VAL A 561 -14.70 20.68 14.72
N GLU A 562 -14.27 20.41 13.49
CA GLU A 562 -13.45 19.24 13.24
C GLU A 562 -12.26 19.16 14.18
N TYR A 563 -11.50 20.25 14.28
CA TYR A 563 -10.28 20.28 15.08
C TYR A 563 -10.52 19.99 16.56
N HIS A 564 -11.67 20.41 17.08
CA HIS A 564 -11.96 20.20 18.49
C HIS A 564 -12.29 18.74 18.81
N PHE A 565 -12.20 17.88 17.82
CA PHE A 565 -12.33 16.47 18.08
C PHE A 565 -10.97 15.78 18.09
N LEU A 566 -9.93 16.56 17.81
CA LEU A 566 -8.58 16.08 18.05
C LEU A 566 -8.37 16.05 19.56
N SER A 567 -7.97 14.91 20.11
CA SER A 567 -7.74 14.85 21.54
C SER A 567 -6.61 15.78 21.96
N PRO A 568 -6.90 16.67 22.91
CA PRO A 568 -5.95 17.65 23.46
C PRO A 568 -5.03 16.99 24.48
N TYR A 569 -5.31 15.74 24.83
CA TYR A 569 -4.59 15.04 25.89
C TYR A 569 -3.57 14.03 25.39
N VAL A 570 -3.21 14.10 24.10
CA VAL A 570 -2.15 13.23 23.58
C VAL A 570 -1.22 14.02 22.67
N SER A 571 0.08 13.78 22.78
CA SER A 571 1.07 14.50 21.97
C SER A 571 1.02 14.03 20.53
N PRO A 572 1.03 14.97 19.58
CA PRO A 572 0.99 14.63 18.15
C PRO A 572 2.22 13.86 17.70
N LYS A 573 3.31 13.95 18.46
CA LYS A 573 4.53 13.21 18.14
C LYS A 573 4.39 11.73 18.48
N GLU A 574 3.86 11.45 19.67
CA GLU A 574 3.61 10.07 20.10
C GLU A 574 2.44 9.46 19.34
N SER A 575 1.37 10.23 19.17
CA SER A 575 0.26 9.75 18.37
C SER A 575 -0.37 10.86 17.53
N PRO A 576 0.10 10.98 16.29
CA PRO A 576 -0.27 12.07 15.38
C PRO A 576 -1.76 12.04 15.07
N PHE A 577 -2.34 10.85 15.07
CA PHE A 577 -3.72 10.74 14.64
C PHE A 577 -4.67 10.89 15.82
N ARG A 578 -4.84 12.13 16.26
CA ARG A 578 -5.51 12.44 17.54
C ARG A 578 -7.03 12.45 17.47
N HIS A 579 -7.56 12.35 16.26
CA HIS A 579 -9.00 12.47 16.10
C HIS A 579 -9.70 11.32 16.80
N VAL A 580 -10.49 11.66 17.81
CA VAL A 580 -11.14 10.65 18.62
C VAL A 580 -12.15 9.81 17.84
N PHE A 581 -12.55 10.29 16.67
CA PHE A 581 -13.43 9.48 15.82
C PHE A 581 -12.63 8.72 14.77
N TRP A 582 -11.61 9.37 14.22
CA TRP A 582 -10.99 8.90 12.99
C TRP A 582 -9.48 8.63 13.09
N GLY A 583 -8.87 8.95 14.23
CA GLY A 583 -7.44 8.78 14.40
C GLY A 583 -7.11 7.38 14.86
N SER A 584 -5.91 7.21 15.42
CA SER A 584 -5.43 5.89 15.87
C SER A 584 -4.88 5.97 17.28
N GLY A 585 -5.27 5.03 18.12
CA GLY A 585 -4.68 4.95 19.44
C GLY A 585 -5.73 4.69 20.49
N SER A 586 -5.30 4.76 21.75
CA SER A 586 -6.14 4.43 22.89
C SER A 586 -7.08 5.58 23.24
N HIS A 587 -6.93 6.69 22.54
CA HIS A 587 -7.70 7.90 22.80
C HIS A 587 -8.89 8.01 21.88
N THR A 588 -9.02 7.09 20.92
CA THR A 588 -10.17 7.14 20.03
C THR A 588 -11.36 6.42 20.65
N LEU A 589 -12.55 6.92 20.36
CA LEU A 589 -13.78 6.28 20.81
C LEU A 589 -13.81 4.78 20.51
N PRO A 590 -13.45 4.38 19.28
CA PRO A 590 -13.37 2.95 18.96
C PRO A 590 -12.50 2.17 19.93
N ALA A 591 -11.32 2.68 20.26
CA ALA A 591 -10.44 2.03 21.22
C ALA A 591 -11.16 1.80 22.54
N LEU A 592 -11.93 2.79 22.97
CA LEU A 592 -12.66 2.70 24.24
C LEU A 592 -13.64 1.54 24.22
N LEU A 593 -14.31 1.38 23.09
CA LEU A 593 -15.22 0.27 22.90
C LEU A 593 -14.53 -1.09 22.87
N GLU A 594 -13.41 -1.17 22.16
CA GLU A 594 -12.69 -2.44 22.02
C GLU A 594 -12.14 -2.91 23.36
N ASN A 595 -11.69 -1.97 24.17
CA ASN A 595 -11.17 -2.30 25.49
C ASN A 595 -12.27 -2.83 26.38
N LEU A 596 -13.49 -2.42 26.08
CA LEU A 596 -14.63 -2.71 26.93
C LEU A 596 -15.28 -4.01 26.48
N LYS A 597 -15.17 -4.30 25.18
CA LYS A 597 -15.66 -5.56 24.63
C LYS A 597 -14.80 -6.70 25.16
N LEU A 598 -13.58 -6.39 25.60
CA LEU A 598 -12.67 -7.37 26.16
C LEU A 598 -12.99 -7.65 27.62
N ARG A 599 -14.21 -7.33 28.03
CA ARG A 599 -14.59 -7.56 29.42
C ARG A 599 -15.57 -8.71 29.54
N LYS A 600 -16.07 -9.20 28.42
CA LYS A 600 -16.94 -10.38 28.43
C LYS A 600 -16.08 -11.63 28.67
N GLN A 601 -14.90 -11.66 28.05
CA GLN A 601 -13.92 -12.69 28.34
C GLN A 601 -13.31 -12.40 29.70
N ASN A 602 -13.25 -13.41 30.57
CA ASN A 602 -12.64 -13.22 31.87
C ASN A 602 -11.12 -13.28 31.80
N ASN A 603 -10.60 -13.23 30.58
CA ASN A 603 -9.16 -13.14 30.35
C ASN A 603 -8.64 -11.76 30.73
N GLY A 604 -7.35 -11.68 31.05
CA GLY A 604 -6.76 -10.46 31.56
C GLY A 604 -6.54 -9.36 30.54
N ALA A 605 -7.15 -9.49 29.36
CA ALA A 605 -6.98 -8.51 28.30
C ALA A 605 -7.65 -7.17 28.63
N PHE A 606 -8.82 -7.24 29.27
CA PHE A 606 -9.50 -6.02 29.70
C PHE A 606 -8.61 -5.22 30.63
N ASN A 607 -8.75 -3.91 30.58
CA ASN A 607 -7.89 -3.03 31.37
C ASN A 607 -8.73 -1.96 32.04
N GLU A 608 -9.41 -2.34 33.11
CA GLU A 608 -10.34 -1.45 33.80
C GLU A 608 -9.81 -0.04 34.03
N THR A 609 -8.56 0.07 34.46
CA THR A 609 -7.94 1.37 34.72
C THR A 609 -7.93 2.24 33.46
N LEU A 610 -7.33 1.71 32.40
CA LEU A 610 -7.32 2.36 31.10
C LEU A 610 -8.71 2.87 30.72
N PHE A 611 -9.73 2.04 30.94
CA PHE A 611 -11.07 2.42 30.56
C PHE A 611 -11.55 3.66 31.31
N ARG A 612 -11.26 3.73 32.60
CA ARG A 612 -11.69 4.88 33.39
C ARG A 612 -11.02 6.15 32.88
N ASN A 613 -9.80 6.00 32.36
CA ASN A 613 -9.10 7.14 31.82
C ASN A 613 -9.69 7.51 30.47
N GLN A 614 -9.92 6.49 29.66
CA GLN A 614 -10.54 6.67 28.36
C GLN A 614 -11.90 7.34 28.51
N LEU A 615 -12.70 6.83 29.45
CA LEU A 615 -14.00 7.42 29.71
C LEU A 615 -13.84 8.89 30.04
N ALA A 616 -12.91 9.19 30.93
CA ALA A 616 -12.66 10.58 31.32
C ALA A 616 -12.23 11.44 30.12
N LEU A 617 -11.16 11.04 29.45
CA LEU A 617 -10.64 11.83 28.33
C LEU A 617 -11.70 12.04 27.25
N ALA A 618 -12.45 10.99 26.92
CA ALA A 618 -13.53 11.13 25.94
C ALA A 618 -14.51 12.18 26.42
N THR A 619 -14.97 12.05 27.65
CA THR A 619 -15.94 13.00 28.17
C THR A 619 -15.40 14.41 28.07
N TRP A 620 -14.18 14.61 28.54
CA TRP A 620 -13.54 15.93 28.49
C TRP A 620 -13.42 16.48 27.07
N THR A 621 -12.98 15.63 26.15
CA THR A 621 -12.84 16.05 24.76
C THR A 621 -14.18 16.52 24.19
N ILE A 622 -15.22 15.72 24.40
CA ILE A 622 -16.55 16.02 23.90
C ILE A 622 -17.14 17.26 24.55
N GLN A 623 -16.99 17.38 25.87
CA GLN A 623 -17.42 18.59 26.56
C GLN A 623 -16.71 19.79 25.97
N GLY A 624 -15.39 19.71 25.87
CA GLY A 624 -14.61 20.80 25.33
C GLY A 624 -15.14 21.23 23.96
N ALA A 625 -15.45 20.25 23.12
CA ALA A 625 -15.95 20.60 21.80
C ALA A 625 -17.31 21.29 21.90
N ALA A 626 -18.17 20.79 22.77
CA ALA A 626 -19.47 21.40 22.95
C ALA A 626 -19.31 22.84 23.44
N ASN A 627 -18.42 23.03 24.43
CA ASN A 627 -18.16 24.37 24.98
C ASN A 627 -17.51 25.33 23.96
N ALA A 628 -16.62 24.79 23.13
CA ALA A 628 -16.01 25.55 22.04
C ALA A 628 -17.03 26.03 21.00
N LEU A 629 -18.17 25.37 20.93
CA LEU A 629 -19.16 25.67 19.88
C LEU A 629 -20.25 26.61 20.38
N SER A 630 -20.42 26.67 21.70
CA SER A 630 -21.51 27.40 22.34
C SER A 630 -21.44 28.92 22.15
N GLY A 631 -20.27 29.43 21.79
CA GLY A 631 -20.12 30.85 21.56
C GLY A 631 -19.70 31.65 22.78
N ASP A 632 -20.51 32.65 23.13
CA ASP A 632 -20.13 33.60 24.18
C ASP A 632 -20.29 33.00 25.57
N VAL A 633 -19.31 33.25 26.42
CA VAL A 633 -19.20 32.60 27.72
C VAL A 633 -20.40 32.87 28.62
N TRP A 634 -21.13 33.94 28.34
CA TRP A 634 -22.36 34.25 29.08
C TRP A 634 -23.60 33.51 28.55
N ASP A 635 -23.42 32.72 27.50
CA ASP A 635 -24.52 31.93 26.95
C ASP A 635 -24.37 30.46 27.36
N ILE A 636 -25.08 30.07 28.41
CA ILE A 636 -25.02 28.70 28.91
C ILE A 636 -26.31 28.31 29.64
N ASN B 4 40.96 -29.82 -25.90
CA ASN B 4 39.97 -30.01 -24.85
C ASN B 4 39.30 -31.37 -24.94
N GLU B 5 39.19 -32.05 -23.81
CA GLU B 5 38.52 -33.33 -23.80
C GLU B 5 37.03 -33.08 -23.63
N LEU B 6 36.35 -34.07 -23.06
CA LEU B 6 34.96 -33.95 -22.62
C LEU B 6 34.91 -33.39 -21.18
N PRO B 7 33.71 -33.14 -20.67
CA PRO B 7 33.64 -32.56 -19.33
C PRO B 7 34.21 -33.50 -18.29
N SER B 8 34.80 -32.96 -17.24
CA SER B 8 35.34 -33.78 -16.16
C SER B 8 34.54 -33.54 -14.87
N LEU B 9 34.49 -34.54 -13.99
CA LEU B 9 33.59 -34.51 -12.83
C LEU B 9 34.34 -34.64 -11.53
N CYS B 10 33.76 -34.11 -10.45
CA CYS B 10 34.32 -34.32 -9.13
C CYS B 10 33.24 -34.32 -8.07
N MET B 11 33.46 -35.09 -7.01
CA MET B 11 32.52 -35.12 -5.91
C MET B 11 33.27 -34.63 -4.70
N LEU B 12 32.73 -33.64 -4.00
CA LEU B 12 33.40 -33.11 -2.82
C LEU B 12 32.98 -33.90 -1.59
N ASN B 13 31.76 -33.69 -1.12
CA ASN B 13 31.11 -34.64 -0.23
C ASN B 13 29.73 -34.97 -0.78
N ASN B 14 28.86 -35.51 0.06
CA ASN B 14 27.52 -35.93 -0.38
C ASN B 14 26.61 -34.77 -0.77
N SER B 15 27.07 -33.54 -0.50
CA SER B 15 26.26 -32.36 -0.74
C SER B 15 26.69 -31.57 -1.97
N PHE B 16 27.87 -31.88 -2.49
CA PHE B 16 28.43 -31.11 -3.59
C PHE B 16 29.11 -31.99 -4.63
N TYR B 17 28.60 -31.94 -5.86
CA TYR B 17 29.24 -32.55 -7.02
C TYR B 17 29.49 -31.42 -8.01
N TYR B 18 30.49 -31.56 -8.85
CA TYR B 18 30.88 -30.49 -9.75
C TYR B 18 31.25 -31.06 -11.10
N MET B 19 30.85 -30.38 -12.17
CA MET B 19 31.31 -30.74 -13.50
C MET B 19 32.10 -29.58 -14.10
N ARG B 20 33.22 -29.90 -14.74
CA ARG B 20 33.99 -28.89 -15.42
C ARG B 20 33.87 -29.12 -16.91
N GLY B 21 33.39 -28.11 -17.63
CA GLY B 21 33.30 -28.17 -19.07
C GLY B 21 34.06 -26.99 -19.65
N GLY B 22 35.22 -27.27 -20.20
CA GLY B 22 36.07 -26.22 -20.70
C GLY B 22 36.38 -25.26 -19.56
N VAL B 23 36.07 -23.98 -19.78
CA VAL B 23 36.39 -22.96 -18.79
C VAL B 23 35.25 -22.75 -17.82
N ASN B 24 34.20 -23.56 -17.92
CA ASN B 24 33.04 -23.40 -17.07
C ASN B 24 32.91 -24.50 -16.07
N THR B 25 32.42 -24.16 -14.89
CA THR B 25 32.20 -25.15 -13.86
C THR B 25 30.75 -25.10 -13.43
N PHE B 26 30.19 -26.23 -13.05
CA PHE B 26 28.80 -26.29 -12.60
C PHE B 26 28.68 -27.02 -11.28
N LEU B 27 27.88 -26.44 -10.40
CA LEU B 27 27.50 -27.06 -9.14
C LEU B 27 26.33 -28.01 -9.37
N ILE B 28 26.45 -29.23 -8.88
CA ILE B 28 25.38 -30.22 -9.01
C ILE B 28 24.96 -30.70 -7.63
N ARG B 29 23.67 -30.59 -7.35
CA ARG B 29 23.17 -31.04 -6.05
C ARG B 29 21.94 -31.92 -6.21
N VAL B 30 21.69 -32.76 -5.21
CA VAL B 30 20.47 -33.54 -5.16
C VAL B 30 19.83 -33.30 -3.82
N SER B 31 18.58 -32.84 -3.82
CA SER B 31 17.83 -32.68 -2.58
C SER B 31 16.33 -32.64 -2.85
N ASP B 32 15.55 -32.45 -1.79
CA ASP B 32 14.09 -32.41 -1.91
C ASP B 32 13.56 -30.99 -2.18
N ILE B 33 14.45 -30.06 -2.47
CA ILE B 33 14.05 -28.68 -2.70
C ILE B 33 14.00 -28.37 -4.19
N SER B 34 12.91 -27.73 -4.62
CA SER B 34 12.72 -27.28 -6.00
C SER B 34 12.47 -25.78 -6.02
N VAL B 35 12.94 -25.11 -7.05
CA VAL B 35 12.70 -23.69 -7.17
C VAL B 35 12.11 -23.34 -8.53
N LEU B 36 11.99 -24.35 -9.41
CA LEU B 36 11.35 -24.17 -10.72
C LEU B 36 10.02 -24.91 -10.87
N MET B 37 9.14 -24.39 -11.72
CA MET B 37 7.84 -25.00 -11.97
C MET B 37 7.53 -24.93 -13.45
N LYS B 38 6.86 -25.97 -13.97
CA LYS B 38 6.50 -26.03 -15.38
C LYS B 38 5.82 -24.74 -15.80
N GLU B 39 4.95 -24.25 -14.93
CA GLU B 39 4.10 -23.11 -15.26
C GLU B 39 4.87 -21.84 -15.60
N TYR B 40 6.06 -21.70 -15.05
CA TYR B 40 6.72 -20.39 -15.08
C TYR B 40 8.13 -20.42 -15.65
N ASP B 41 8.69 -21.61 -15.76
CA ASP B 41 10.05 -21.73 -16.21
C ASP B 41 10.13 -22.49 -17.54
N VAL B 42 11.34 -22.69 -18.03
CA VAL B 42 11.54 -23.21 -19.37
C VAL B 42 11.56 -24.73 -19.37
N SER B 43 10.73 -25.32 -20.23
CA SER B 43 10.71 -26.77 -20.42
C SER B 43 11.67 -27.14 -21.54
N ILE B 44 12.58 -28.06 -21.27
CA ILE B 44 13.59 -28.45 -22.26
C ILE B 44 13.18 -29.75 -22.94
N TYR B 45 12.63 -29.67 -24.15
CA TYR B 45 12.19 -30.89 -24.84
C TYR B 45 13.29 -31.46 -25.72
N GLU B 46 14.18 -30.59 -26.18
CA GLU B 46 15.30 -31.01 -26.99
C GLU B 46 16.54 -30.28 -26.54
N PRO B 47 17.71 -30.84 -26.81
CA PRO B 47 18.99 -30.31 -26.33
C PRO B 47 19.20 -28.88 -26.75
N GLU B 48 18.72 -28.52 -27.93
CA GLU B 48 18.91 -27.17 -28.46
C GLU B 48 18.31 -26.14 -27.51
N ASP B 49 17.23 -26.55 -26.85
CA ASP B 49 16.55 -25.69 -25.88
C ASP B 49 17.46 -25.25 -24.74
N LEU B 50 18.47 -26.05 -24.42
CA LEU B 50 19.39 -25.70 -23.33
C LEU B 50 20.05 -24.35 -23.55
N GLY B 51 20.12 -23.92 -24.81
CA GLY B 51 20.74 -22.64 -25.15
C GLY B 51 20.21 -21.47 -24.34
N ASN B 52 18.92 -21.51 -24.01
CA ASN B 52 18.29 -20.40 -23.28
C ASN B 52 18.23 -20.58 -21.74
N CYS B 53 19.12 -21.43 -21.21
CA CYS B 53 19.23 -21.71 -19.79
C CYS B 53 20.52 -21.17 -19.21
N LEU B 54 21.47 -20.84 -20.08
CA LEU B 54 22.80 -20.45 -19.61
C LEU B 54 23.24 -19.15 -20.24
N ASN B 55 24.02 -18.39 -19.48
CA ASN B 55 24.61 -17.14 -19.95
C ASN B 55 25.09 -17.24 -21.40
N LYS B 56 25.90 -18.25 -21.70
CA LYS B 56 26.40 -18.51 -23.04
C LYS B 56 25.80 -19.79 -23.61
N SER B 57 24.89 -19.63 -24.57
CA SER B 57 24.22 -20.75 -25.21
C SER B 57 25.15 -21.91 -25.62
N ASP B 58 26.43 -21.62 -25.80
CA ASP B 58 27.38 -22.63 -26.25
C ASP B 58 27.97 -23.53 -25.15
N SER B 59 27.86 -23.14 -23.89
CA SER B 59 28.24 -24.05 -22.80
C SER B 59 27.06 -24.94 -22.40
N SER B 60 25.98 -24.87 -23.16
CA SER B 60 24.88 -25.82 -23.00
C SER B 60 25.41 -27.20 -23.29
N TRP B 61 26.51 -27.23 -24.03
CA TRP B 61 27.15 -28.47 -24.43
C TRP B 61 27.43 -29.37 -23.21
N ALA B 62 28.06 -28.82 -22.19
CA ALA B 62 28.43 -29.62 -21.03
C ALA B 62 27.19 -30.20 -20.35
N ILE B 63 26.10 -29.44 -20.34
CA ILE B 63 24.86 -29.93 -19.73
C ILE B 63 24.22 -30.97 -20.62
N HIS B 64 24.32 -30.77 -21.93
CA HIS B 64 23.87 -31.76 -22.91
C HIS B 64 24.60 -33.07 -22.67
N TRP B 65 25.92 -33.01 -22.66
CA TRP B 65 26.72 -34.20 -22.43
C TRP B 65 26.32 -34.86 -21.13
N PHE B 66 26.14 -34.04 -20.10
CA PHE B 66 25.86 -34.54 -18.77
C PHE B 66 24.49 -35.22 -18.69
N SER B 67 23.46 -34.59 -19.25
CA SER B 67 22.13 -35.19 -19.31
C SER B 67 22.16 -36.58 -19.93
N ASN B 68 22.85 -36.70 -21.07
CA ASN B 68 22.97 -37.98 -21.75
C ASN B 68 23.80 -38.97 -20.93
N ALA B 69 24.92 -38.48 -20.43
CA ALA B 69 25.78 -39.32 -19.60
C ALA B 69 24.97 -39.88 -18.44
N LEU B 70 23.94 -39.15 -18.04
CA LEU B 70 23.11 -39.48 -16.90
C LEU B 70 22.07 -40.52 -17.28
N GLY B 71 21.77 -40.63 -18.56
CA GLY B 71 20.76 -41.57 -19.03
C GLY B 71 19.52 -40.90 -19.56
N HIS B 72 19.50 -39.57 -19.53
CA HIS B 72 18.32 -38.84 -20.00
C HIS B 72 18.06 -39.08 -21.47
N ASP B 73 16.82 -39.44 -21.79
CA ASP B 73 16.37 -39.66 -23.17
C ASP B 73 15.54 -38.46 -23.61
N TRP B 74 16.06 -37.68 -24.55
CA TRP B 74 15.38 -36.45 -24.93
C TRP B 74 13.99 -36.70 -25.45
N LEU B 75 13.85 -37.70 -26.33
CA LEU B 75 12.57 -37.95 -26.97
C LEU B 75 11.55 -38.59 -26.05
N MET B 76 12.02 -39.34 -25.07
CA MET B 76 11.14 -40.19 -24.27
C MET B 76 10.83 -39.68 -22.87
N ASP B 77 11.75 -38.93 -22.28
CA ASP B 77 11.67 -38.62 -20.86
C ASP B 77 11.01 -37.27 -20.56
N PRO B 78 10.62 -37.06 -19.30
CA PRO B 78 10.09 -35.78 -18.84
C PRO B 78 11.13 -34.71 -19.09
N PRO B 79 10.70 -33.58 -19.70
CA PRO B 79 11.65 -32.50 -19.96
C PRO B 79 12.16 -31.98 -18.64
N MET B 80 13.44 -31.70 -18.54
CA MET B 80 13.91 -31.02 -17.35
C MET B 80 13.53 -29.56 -17.49
N LEU B 81 13.50 -28.84 -16.37
CA LEU B 81 13.16 -27.43 -16.37
C LEU B 81 14.43 -26.62 -16.16
N CYS B 82 14.36 -25.35 -16.54
CA CYS B 82 15.51 -24.49 -16.33
C CYS B 82 15.07 -23.04 -16.25
N ARG B 83 15.86 -22.23 -15.58
CA ARG B 83 15.49 -20.85 -15.42
C ARG B 83 15.90 -20.08 -16.65
N ASN B 84 14.95 -19.36 -17.20
CA ASN B 84 15.18 -18.49 -18.32
C ASN B 84 16.47 -17.68 -18.13
N LYS B 85 17.32 -17.72 -19.13
CA LYS B 85 18.64 -17.09 -19.05
C LYS B 85 18.57 -15.62 -18.68
N THR B 86 17.42 -14.99 -18.97
CA THR B 86 17.30 -13.55 -18.83
C THR B 86 17.08 -13.12 -17.39
N LYS B 87 16.54 -14.01 -16.58
CA LYS B 87 16.25 -13.68 -15.19
C LYS B 87 17.56 -13.51 -14.43
N LYS B 88 17.52 -12.77 -13.34
CA LYS B 88 18.77 -12.38 -12.65
C LYS B 88 19.26 -13.38 -11.59
N GLU B 89 18.62 -14.54 -11.52
CA GLU B 89 18.90 -15.49 -10.45
C GLU B 89 20.24 -16.27 -10.46
N GLY B 90 20.73 -16.76 -11.59
CA GLY B 90 19.98 -17.02 -12.79
C GLY B 90 19.98 -18.53 -13.02
N SER B 91 21.10 -19.08 -13.49
CA SER B 91 21.03 -20.44 -14.03
C SER B 91 20.63 -21.53 -13.05
N ASN B 92 19.77 -22.43 -13.52
CA ASN B 92 19.22 -23.47 -12.67
C ASN B 92 18.49 -24.48 -13.56
N ILE B 93 19.12 -25.65 -13.74
CA ILE B 93 18.49 -26.75 -14.46
C ILE B 93 18.02 -27.73 -13.40
N GLN B 94 16.79 -28.21 -13.54
CA GLN B 94 16.16 -29.00 -12.49
C GLN B 94 15.56 -30.29 -13.04
N PHE B 95 16.06 -31.42 -12.56
CA PHE B 95 15.53 -32.70 -12.96
C PHE B 95 14.63 -33.22 -11.84
N ASN B 96 13.44 -33.71 -12.19
CA ASN B 96 12.55 -34.28 -11.17
C ASN B 96 12.76 -35.79 -11.06
N ILE B 97 13.50 -36.22 -10.03
CA ILE B 97 13.83 -37.62 -9.86
C ILE B 97 13.14 -38.21 -8.63
N SER B 98 12.00 -37.64 -8.26
CA SER B 98 11.24 -38.10 -7.10
C SER B 98 10.95 -39.59 -7.12
N LYS B 99 11.19 -40.26 -6.00
CA LYS B 99 10.75 -41.63 -5.79
C LYS B 99 9.23 -41.66 -5.61
N ALA B 100 8.51 -40.92 -6.46
CA ALA B 100 7.06 -40.83 -6.39
C ALA B 100 6.52 -41.32 -7.72
N ASP B 101 5.23 -41.65 -7.75
CA ASP B 101 4.69 -42.46 -8.84
C ASP B 101 5.00 -41.95 -10.24
N ASP B 102 4.70 -40.69 -10.48
CA ASP B 102 4.82 -40.12 -11.81
C ASP B 102 6.28 -40.11 -12.32
N ALA B 103 7.24 -39.98 -11.42
CA ALA B 103 8.63 -39.84 -11.83
C ALA B 103 9.53 -40.93 -11.26
N ARG B 104 8.93 -42.02 -10.83
CA ARG B 104 9.64 -43.05 -10.09
C ARG B 104 10.71 -43.74 -10.93
N VAL B 105 10.29 -44.22 -12.09
CA VAL B 105 11.19 -45.00 -12.92
C VAL B 105 12.30 -44.12 -13.51
N TYR B 106 11.94 -42.90 -13.90
CA TYR B 106 12.90 -41.94 -14.40
C TYR B 106 13.97 -41.62 -13.34
N GLY B 107 13.52 -41.40 -12.11
CA GLY B 107 14.40 -41.10 -11.00
C GLY B 107 15.38 -42.23 -10.72
N LYS B 108 14.87 -43.45 -10.75
CA LYS B 108 15.72 -44.63 -10.60
C LYS B 108 16.89 -44.51 -11.55
N LYS B 109 16.58 -44.08 -12.76
CA LYS B 109 17.50 -44.08 -13.87
C LYS B 109 18.58 -43.03 -13.69
N ILE B 110 18.15 -41.81 -13.35
CA ILE B 110 19.07 -40.71 -13.19
C ILE B 110 20.02 -41.02 -12.06
N ARG B 111 19.47 -41.52 -10.96
CA ARG B 111 20.31 -41.86 -9.82
C ARG B 111 21.30 -42.94 -10.22
N ASN B 112 20.84 -43.87 -11.06
CA ASN B 112 21.76 -44.86 -11.59
C ASN B 112 22.90 -44.16 -12.33
N GLY B 113 22.55 -43.17 -13.13
CA GLY B 113 23.54 -42.37 -13.82
C GLY B 113 24.52 -41.74 -12.85
N MET B 114 23.99 -41.10 -11.81
CA MET B 114 24.82 -40.46 -10.79
C MET B 114 25.79 -41.45 -10.14
N ARG B 115 25.34 -42.67 -9.90
CA ARG B 115 26.21 -43.70 -9.36
C ARG B 115 27.36 -44.05 -10.32
N HIS B 116 27.10 -44.03 -11.63
CA HIS B 116 28.12 -44.33 -12.63
C HIS B 116 29.12 -43.19 -12.73
N LEU B 117 28.63 -41.96 -12.54
CA LEU B 117 29.44 -40.77 -12.77
C LEU B 117 30.24 -40.39 -11.54
N PHE B 118 29.61 -40.53 -10.38
CA PHE B 118 30.26 -40.21 -9.14
C PHE B 118 30.25 -41.45 -8.27
N ARG B 119 31.36 -42.18 -8.26
CA ARG B 119 31.49 -43.29 -7.35
C ARG B 119 31.32 -42.74 -5.95
N GLY B 120 30.45 -43.36 -5.16
CA GLY B 120 30.23 -42.92 -3.81
C GLY B 120 29.08 -41.93 -3.70
N PHE B 121 28.40 -41.69 -4.82
CA PHE B 121 27.17 -40.93 -4.81
C PHE B 121 26.27 -41.46 -3.70
N HIS B 122 25.77 -40.55 -2.89
CA HIS B 122 24.81 -40.90 -1.85
C HIS B 122 23.39 -40.51 -2.25
N ASP B 123 22.47 -41.46 -2.19
CA ASP B 123 21.08 -41.21 -2.52
C ASP B 123 20.32 -40.67 -1.32
N PRO B 124 19.95 -39.38 -1.36
CA PRO B 124 19.23 -38.73 -0.26
C PRO B 124 17.72 -38.79 -0.46
N CYS B 125 17.27 -39.26 -1.61
CA CYS B 125 15.86 -39.21 -1.98
C CYS B 125 15.03 -40.22 -1.18
N GLU B 126 13.89 -39.77 -0.68
CA GLU B 126 13.07 -40.63 0.18
C GLU B 126 11.77 -41.10 -0.48
N GLU B 127 11.41 -42.35 -0.21
CA GLU B 127 10.17 -42.93 -0.74
C GLU B 127 8.97 -42.04 -0.46
N GLY B 128 8.16 -41.81 -1.48
CA GLY B 128 6.94 -41.03 -1.34
C GLY B 128 7.21 -39.54 -1.27
N LYS B 129 8.44 -39.17 -0.97
CA LYS B 129 8.83 -37.76 -0.89
C LYS B 129 9.31 -37.26 -2.24
N VAL B 130 9.38 -35.94 -2.38
CA VAL B 130 9.84 -35.32 -3.62
C VAL B 130 11.38 -35.18 -3.60
N CYS B 131 12.00 -35.16 -4.76
CA CYS B 131 13.47 -35.09 -4.84
C CYS B 131 13.93 -34.62 -6.22
N TYR B 132 15.02 -33.85 -6.25
CA TYR B 132 15.43 -33.16 -7.47
C TYR B 132 16.93 -33.19 -7.67
N LEU B 133 17.34 -33.13 -8.92
CA LEU B 133 18.73 -32.91 -9.23
C LEU B 133 18.83 -31.51 -9.84
N THR B 134 19.75 -30.71 -9.32
CA THR B 134 19.82 -29.29 -9.61
C THR B 134 21.22 -28.86 -10.05
N ILE B 135 21.31 -28.08 -11.12
CA ILE B 135 22.60 -27.66 -11.61
C ILE B 135 22.64 -26.17 -11.70
N ASN B 136 23.67 -25.57 -11.13
CA ASN B 136 23.84 -24.14 -11.23
C ASN B 136 25.24 -23.88 -11.77
N GLN B 137 25.37 -22.97 -12.73
CA GLN B 137 26.70 -22.60 -13.20
C GLN B 137 27.42 -21.73 -12.18
N CYS B 138 28.64 -22.12 -11.84
CA CYS B 138 29.48 -21.38 -10.92
C CYS B 138 29.65 -19.94 -11.40
N GLY B 139 29.39 -18.99 -10.51
CA GLY B 139 29.46 -17.58 -10.86
C GLY B 139 28.10 -16.91 -10.87
N ASP B 140 27.06 -17.69 -11.14
CA ASP B 140 25.70 -17.18 -11.12
C ASP B 140 25.27 -16.95 -9.66
N PRO B 141 24.37 -15.99 -9.43
CA PRO B 141 23.94 -15.83 -8.03
C PRO B 141 23.45 -17.16 -7.42
N SER B 142 22.76 -17.98 -8.20
CA SER B 142 22.17 -19.22 -7.67
C SER B 142 23.22 -20.23 -7.23
N SER B 143 24.50 -19.98 -7.52
CA SER B 143 25.55 -20.86 -7.02
C SER B 143 26.12 -20.34 -5.71
N PHE B 144 25.61 -19.20 -5.25
CA PHE B 144 26.12 -18.59 -4.01
C PHE B 144 27.65 -18.63 -3.94
N ASP B 145 28.18 -19.05 -2.80
CA ASP B 145 29.62 -19.19 -2.60
C ASP B 145 30.12 -20.64 -2.75
N TYR B 146 29.21 -21.54 -3.11
CA TYR B 146 29.51 -22.95 -3.30
C TYR B 146 30.63 -23.31 -4.30
N CYS B 147 31.17 -22.33 -5.02
CA CYS B 147 32.21 -22.61 -6.01
C CYS B 147 33.46 -21.79 -5.73
N GLY B 148 33.58 -21.34 -4.49
CA GLY B 148 34.76 -20.60 -4.10
C GLY B 148 35.84 -21.55 -3.66
N VAL B 149 36.93 -20.97 -3.15
CA VAL B 149 38.12 -21.70 -2.75
C VAL B 149 37.87 -22.84 -1.74
N ASN B 150 37.11 -22.55 -0.67
CA ASN B 150 36.81 -23.56 0.35
C ASN B 150 35.93 -24.73 -0.12
N HIS B 151 35.48 -24.70 -1.37
CA HIS B 151 34.71 -25.81 -1.91
C HIS B 151 35.38 -26.36 -3.17
N LEU B 152 35.19 -25.65 -4.28
CA LEU B 152 35.68 -26.10 -5.57
C LEU B 152 37.19 -26.41 -5.60
N SER B 153 38.01 -25.54 -5.04
CA SER B 153 39.44 -25.79 -5.07
C SER B 153 39.87 -26.98 -4.19
N LYS B 154 38.98 -27.40 -3.29
CA LYS B 154 39.26 -28.54 -2.42
C LYS B 154 38.97 -29.85 -3.16
N CYS B 155 38.27 -29.75 -4.29
CA CYS B 155 37.90 -30.93 -5.07
C CYS B 155 38.95 -31.28 -6.12
N GLN B 156 39.53 -32.47 -6.00
CA GLN B 156 40.51 -32.93 -6.98
C GLN B 156 39.85 -33.65 -8.16
N PHE B 157 39.77 -32.96 -9.29
CA PHE B 157 39.06 -33.45 -10.47
C PHE B 157 39.71 -34.64 -11.17
N ASP B 158 38.86 -35.49 -11.73
CA ASP B 158 39.27 -36.56 -12.63
C ASP B 158 38.34 -36.58 -13.83
N HIS B 159 38.50 -37.60 -14.68
CA HIS B 159 37.67 -37.79 -15.88
C HIS B 159 38.22 -37.01 -17.06
#